data_5I5E
#
_entry.id   5I5E
#
_cell.length_a   99.885
_cell.length_b   182.084
_cell.length_c   98.263
_cell.angle_alpha   90.000
_cell.angle_beta   90.000
_cell.angle_gamma   90.000
#
_symmetry.space_group_name_H-M   'C 2 2 21'
#
loop_
_entity.id
_entity.type
_entity.pdbx_description
1 polymer Transketolase
2 non-polymer 'THIAMINE DIPHOSPHATE'
3 non-polymer 5-O-phosphono-D-xylulose
4 non-polymer 'CALCIUM ION'
5 water water
#
_entity_poly.entity_id   1
_entity_poly.type   'polypeptide(L)'
_entity_poly.pdbx_seq_one_letter_code
;MGSSHHHHHHSSGLVPRGSHMSSVDQKAISTIRLLAVDAVAAANSGHPGAPLGLAPAAHAVFKKMRFNPKDTKWINRDRF
VLSNGCACALLYSMLVLYGYDLTVEDLKKFRQLGSKTPGHPENTDVPGAEVTTGPLGQGICNGVGIALAQAQFAATYNKP
DFPISDSYTYVFLGDGCLMEGVSSEASSLAGHLQLGNLIAFWDDNKISIDGSTEVAFTEDVIARYKSYGWHIVEVSDADT
DITAIAAAIDEAKKVTNKPTLVRLTTTIGFGSLAQGTHGVCGAPLKADDIKQLKTKWGFNPEESFAVPAEVTASYNEHVA
ENQKIQQQWNELFAAYKQKYPELGAELQRRLDGKLPENWDKALPVYTPADAAVATRKLSEIVLSKIIPEVPEIIGGSADL
TPSNLTKAKGTVDFQPAATGLGDYSGRYIRYGVREHAMGAIMNGIAAFGANYKNYGGTFLNFVSYAAGAVRLSALSEFPI
TWVATHDSIGLGEDGPTHQPIETLAHFRATPNISVWRPADGNETSAAYKSAIESTHTPHILALTRQNLPQLEGSSIEKAS
KGGYTLVQQDKADIIIVATGSEVSLAVDALKVLEGQGIKAGVVSLPDQLTFDKQSEEYKLSVLPDGVPILSVEVMSTFGW
SKYSHQQFGLNRFGASGKAPEIFKLFEFTPEGVAERAAKTVAFYKGKDVVSPLRSAF
;
_entity_poly.pdbx_strand_id   A
#
# COMPACT_ATOMS: atom_id res chain seq x y z
N SER A 22 14.91 36.34 0.92
CA SER A 22 14.39 37.62 0.41
C SER A 22 13.12 38.00 1.15
N SER A 23 12.64 39.22 0.89
CA SER A 23 11.43 39.69 1.53
C SER A 23 10.23 38.81 1.15
N VAL A 24 10.13 38.39 -0.12
CA VAL A 24 8.96 37.60 -0.51
C VAL A 24 9.09 36.17 0.01
N ASP A 25 10.31 35.64 0.09
CA ASP A 25 10.53 34.33 0.70
C ASP A 25 10.05 34.36 2.15
N GLN A 26 10.44 35.40 2.87
CA GLN A 26 10.04 35.48 4.29
C GLN A 26 8.53 35.58 4.39
N LYS A 27 7.94 36.36 3.51
CA LYS A 27 6.49 36.50 3.56
C LYS A 27 5.78 35.21 3.24
N ALA A 28 6.29 34.45 2.26
CA ALA A 28 5.72 33.15 1.95
C ALA A 28 5.80 32.22 3.16
N ILE A 29 6.95 32.19 3.81
CA ILE A 29 7.12 31.31 4.97
C ILE A 29 6.13 31.70 6.07
N SER A 30 5.99 32.99 6.33
CA SER A 30 5.02 33.44 7.32
C SER A 30 3.60 33.06 6.88
N THR A 31 3.29 33.20 5.58
CA THR A 31 1.96 32.86 5.10
C THR A 31 1.68 31.40 5.38
N ILE A 32 2.63 30.53 5.05
CA ILE A 32 2.46 29.10 5.26
C ILE A 32 2.20 28.84 6.72
N ARG A 33 3.08 29.36 7.57
CA ARG A 33 3.00 29.15 9.01
C ARG A 33 1.63 29.54 9.54
N LEU A 34 1.16 30.73 9.12
CA LEU A 34 -0.10 31.24 9.63
C LEU A 34 -1.32 30.53 9.05
N LEU A 35 -1.27 30.14 7.77
CA LEU A 35 -2.36 29.32 7.25
C LEU A 35 -2.50 28.04 8.07
N ALA A 36 -1.38 27.41 8.40
CA ALA A 36 -1.40 26.16 9.14
C ALA A 36 -1.97 26.38 10.53
N VAL A 37 -1.47 27.39 11.22
CA VAL A 37 -1.94 27.71 12.56
C VAL A 37 -3.41 28.08 12.53
N ASP A 38 -3.83 28.89 11.54
CA ASP A 38 -5.23 29.23 11.46
C ASP A 38 -6.11 28.05 11.14
N ALA A 39 -5.63 27.11 10.30
CA ALA A 39 -6.42 25.93 10.01
C ALA A 39 -6.65 25.14 11.29
N VAL A 40 -5.59 24.93 12.08
CA VAL A 40 -5.73 24.22 13.34
C VAL A 40 -6.66 24.98 14.27
N ALA A 41 -6.60 26.29 14.22
CA ALA A 41 -7.43 27.09 15.13
C ALA A 41 -8.91 26.97 14.79
N ALA A 42 -9.24 26.98 13.49
CA ALA A 42 -10.61 26.88 13.03
C ALA A 42 -11.23 25.55 13.41
N ALA A 43 -10.44 24.50 13.34
CA ALA A 43 -10.88 23.16 13.69
C ALA A 43 -10.89 22.93 15.18
N ASN A 44 -10.15 23.77 15.90
CA ASN A 44 -9.85 23.56 17.31
C ASN A 44 -9.32 22.16 17.51
N SER A 45 -8.50 21.72 16.56
CA SER A 45 -7.97 20.37 16.55
C SER A 45 -6.78 20.35 15.60
N GLY A 46 -5.75 19.57 15.93
CA GLY A 46 -4.65 19.40 15.00
C GLY A 46 -3.32 19.89 15.55
N HIS A 47 -2.32 19.84 14.69
CA HIS A 47 -0.92 19.89 15.10
C HIS A 47 -0.21 21.09 14.47
N PRO A 48 0.04 22.16 15.24
CA PRO A 48 0.67 23.35 14.65
C PRO A 48 2.18 23.38 14.77
N GLY A 49 2.78 22.51 15.60
CA GLY A 49 4.18 22.69 15.92
C GLY A 49 5.10 22.38 14.75
N ALA A 50 4.95 21.20 14.15
CA ALA A 50 5.85 20.88 13.04
C ALA A 50 5.58 21.76 11.80
N PRO A 51 4.34 22.07 11.47
CA PRO A 51 4.13 23.05 10.39
C PRO A 51 4.88 24.34 10.62
N LEU A 52 4.86 24.89 11.83
CA LEU A 52 5.67 26.08 12.10
C LEU A 52 7.17 25.81 11.93
N GLY A 53 7.65 24.68 12.40
CA GLY A 53 9.08 24.40 12.32
C GLY A 53 9.57 24.07 10.92
N LEU A 54 8.69 23.51 10.08
CA LEU A 54 9.09 23.03 8.76
C LEU A 54 8.71 23.96 7.62
N ALA A 55 7.95 25.05 7.87
CA ALA A 55 7.56 25.93 6.77
C ALA A 55 8.76 26.45 5.98
N PRO A 56 9.88 26.84 6.58
CA PRO A 56 11.01 27.28 5.75
C PRO A 56 11.51 26.18 4.82
N ALA A 57 11.58 24.96 5.32
CA ALA A 57 12.04 23.87 4.49
C ALA A 57 11.03 23.53 3.42
N ALA A 58 9.75 23.53 3.76
CA ALA A 58 8.71 23.26 2.75
C ALA A 58 8.75 24.32 1.65
N HIS A 59 8.94 25.57 2.04
CA HIS A 59 9.07 26.62 1.04
C HIS A 59 10.24 26.35 0.11
N ALA A 60 11.40 26.01 0.68
CA ALA A 60 12.60 25.82 -0.11
C ALA A 60 12.49 24.59 -1.00
N VAL A 61 11.91 23.51 -0.47
CA VAL A 61 11.82 22.28 -1.25
C VAL A 61 10.82 22.45 -2.39
N PHE A 62 9.65 23.04 -2.12
CA PHE A 62 8.70 23.17 -3.22
C PHE A 62 9.23 24.10 -4.29
N LYS A 63 10.06 25.09 -3.93
CA LYS A 63 10.65 25.93 -4.97
C LYS A 63 11.60 25.15 -5.86
N LYS A 64 12.25 24.11 -5.35
CA LYS A 64 13.13 23.24 -6.12
C LYS A 64 12.36 22.16 -6.88
N MET A 65 11.12 21.86 -6.49
CA MET A 65 10.36 20.77 -7.10
C MET A 65 9.77 21.15 -8.45
N ARG A 66 9.69 20.16 -9.35
CA ARG A 66 8.95 20.29 -10.60
C ARG A 66 7.60 19.60 -10.44
N PHE A 67 6.51 20.32 -10.63
CA PHE A 67 5.18 19.77 -10.47
C PHE A 67 4.23 20.70 -11.21
N ASN A 68 3.07 20.17 -11.53
CA ASN A 68 2.00 20.94 -12.13
C ASN A 68 0.77 20.81 -11.29
N PRO A 69 0.36 21.86 -10.58
CA PRO A 69 -0.88 21.80 -9.79
C PRO A 69 -2.10 21.42 -10.62
N LYS A 70 -2.08 21.71 -11.93
CA LYS A 70 -3.19 21.41 -12.82
C LYS A 70 -3.05 20.05 -13.49
N ASP A 71 -1.96 19.31 -13.25
CA ASP A 71 -1.86 17.94 -13.72
C ASP A 71 -1.09 17.18 -12.66
N THR A 72 -1.82 16.66 -11.67
CA THR A 72 -1.17 15.96 -10.58
C THR A 72 -0.58 14.62 -11.00
N LYS A 73 -0.85 14.16 -12.21
CA LYS A 73 -0.38 12.86 -12.64
C LYS A 73 0.80 12.93 -13.58
N TRP A 74 1.33 14.12 -13.85
CA TRP A 74 2.50 14.19 -14.75
C TRP A 74 3.59 13.24 -14.29
N ILE A 75 3.98 12.29 -15.15
CA ILE A 75 4.78 11.19 -14.65
C ILE A 75 6.19 11.58 -14.32
N ASN A 76 6.71 12.70 -14.86
CA ASN A 76 8.05 13.15 -14.52
C ASN A 76 8.05 14.26 -13.46
N ARG A 77 6.97 14.40 -12.72
CA ARG A 77 6.97 15.31 -11.57
C ARG A 77 7.93 14.83 -10.50
N ASP A 78 8.53 15.78 -9.79
CA ASP A 78 9.08 15.42 -8.50
C ASP A 78 7.93 15.04 -7.57
N ARG A 79 8.18 14.09 -6.70
CA ARG A 79 7.19 13.75 -5.68
C ARG A 79 7.61 14.28 -4.32
N PHE A 80 6.60 14.66 -3.55
CA PHE A 80 6.77 15.09 -2.16
C PHE A 80 5.90 14.21 -1.27
N VAL A 81 6.50 13.71 -0.19
CA VAL A 81 5.79 12.90 0.79
C VAL A 81 6.00 13.48 2.19
N LEU A 82 4.89 13.77 2.85
CA LEU A 82 4.90 14.21 4.25
C LEU A 82 4.73 12.97 5.11
N SER A 83 5.86 12.41 5.57
CA SER A 83 5.79 11.20 6.37
C SER A 83 5.24 11.50 7.75
N ASN A 84 5.59 12.66 8.29
CA ASN A 84 5.00 13.12 9.54
C ASN A 84 3.63 13.73 9.26
N GLY A 85 2.67 12.85 8.96
CA GLY A 85 1.42 13.28 8.37
C GLY A 85 0.59 14.16 9.27
N CYS A 86 0.80 14.12 10.58
N CYS A 86 0.80 14.08 10.58
CA CYS A 86 0.09 15.02 11.46
CA CYS A 86 0.20 15.00 11.54
C CYS A 86 0.45 16.47 11.22
C CYS A 86 0.35 16.43 11.06
N ALA A 87 1.53 16.75 10.49
CA ALA A 87 1.89 18.08 10.08
C ALA A 87 1.15 18.49 8.82
N CYS A 88 0.04 17.86 8.48
CA CYS A 88 -0.54 18.07 7.18
C CYS A 88 -1.12 19.44 6.97
N ALA A 89 -1.39 20.23 8.02
CA ALA A 89 -1.77 21.62 7.78
C ALA A 89 -0.69 22.30 6.95
N LEU A 90 0.57 21.88 7.12
CA LEU A 90 1.66 22.40 6.30
C LEU A 90 1.54 21.98 4.83
N LEU A 91 1.31 20.69 4.58
CA LEU A 91 1.10 20.23 3.21
C LEU A 91 -0.08 20.93 2.57
N TYR A 92 -1.22 20.99 3.28
CA TYR A 92 -2.39 21.60 2.67
C TYR A 92 -2.12 23.06 2.35
N SER A 93 -1.40 23.75 3.21
CA SER A 93 -1.08 25.14 2.94
C SER A 93 -0.25 25.28 1.67
N MET A 94 0.74 24.40 1.48
CA MET A 94 1.53 24.45 0.26
C MET A 94 0.65 24.21 -0.95
N LEU A 95 -0.24 23.23 -0.87
CA LEU A 95 -1.04 22.90 -2.03
C LEU A 95 -1.99 24.03 -2.38
N VAL A 96 -2.59 24.67 -1.38
CA VAL A 96 -3.45 25.82 -1.61
C VAL A 96 -2.65 26.95 -2.24
N LEU A 97 -1.47 27.21 -1.72
CA LEU A 97 -0.72 28.36 -2.20
C LEU A 97 -0.28 28.18 -3.64
N TYR A 98 -0.05 26.93 -4.04
CA TYR A 98 0.40 26.67 -5.40
C TYR A 98 -0.73 26.42 -6.36
N GLY A 99 -1.98 26.49 -5.90
CA GLY A 99 -3.11 26.41 -6.80
C GLY A 99 -3.45 25.01 -7.26
N TYR A 100 -3.12 23.99 -6.48
CA TYR A 100 -3.81 22.72 -6.60
C TYR A 100 -5.32 22.92 -6.37
N ASP A 101 -6.05 21.84 -6.65
CA ASP A 101 -7.50 21.82 -6.51
C ASP A 101 -7.88 21.71 -5.03
N LEU A 102 -7.47 22.74 -4.30
CA LEU A 102 -7.58 22.85 -2.85
C LEU A 102 -7.51 24.33 -2.54
N THR A 103 -8.52 24.85 -1.85
CA THR A 103 -8.66 26.28 -1.67
C THR A 103 -8.53 26.68 -0.22
N VAL A 104 -8.48 28.00 0.00
CA VAL A 104 -8.51 28.53 1.35
C VAL A 104 -9.81 28.11 2.06
N GLU A 105 -10.94 28.08 1.32
CA GLU A 105 -12.17 27.57 1.90
C GLU A 105 -12.05 26.13 2.38
N ASP A 106 -11.29 25.29 1.67
CA ASP A 106 -11.03 23.93 2.14
C ASP A 106 -10.19 23.94 3.40
N LEU A 107 -9.18 24.80 3.46
CA LEU A 107 -8.39 24.89 4.67
C LEU A 107 -9.24 25.27 5.87
N LYS A 108 -10.23 26.13 5.65
CA LYS A 108 -11.10 26.57 6.72
C LYS A 108 -11.93 25.42 7.23
N LYS A 109 -12.05 24.35 6.44
CA LYS A 109 -12.77 23.15 6.83
C LYS A 109 -11.83 22.02 7.22
N PHE A 110 -10.62 22.36 7.65
CA PHE A 110 -9.64 21.41 8.13
C PHE A 110 -10.30 20.54 9.20
N ARG A 111 -10.14 19.23 9.05
CA ARG A 111 -10.60 18.26 10.04
C ARG A 111 -12.12 18.26 10.21
N GLN A 112 -12.85 18.79 9.24
CA GLN A 112 -14.30 18.81 9.30
C GLN A 112 -14.89 17.76 8.40
N LEU A 113 -15.99 17.15 8.86
CA LEU A 113 -16.58 16.02 8.16
C LEU A 113 -16.85 16.33 6.68
N GLY A 114 -16.28 15.51 5.82
CA GLY A 114 -16.48 15.56 4.39
C GLY A 114 -15.54 16.50 3.67
N SER A 115 -14.66 17.18 4.40
CA SER A 115 -13.80 18.16 3.74
C SER A 115 -12.66 17.49 2.98
N LYS A 116 -12.04 18.26 2.10
CA LYS A 116 -10.82 17.87 1.38
C LYS A 116 -9.56 18.12 2.16
N THR A 117 -9.68 18.41 3.46
CA THR A 117 -8.53 18.68 4.33
C THR A 117 -8.63 17.83 5.59
N PRO A 118 -8.66 16.52 5.45
CA PRO A 118 -8.75 15.64 6.62
C PRO A 118 -7.53 15.76 7.53
N GLY A 119 -7.72 15.30 8.77
CA GLY A 119 -6.71 15.43 9.80
C GLY A 119 -5.37 14.77 9.52
N HIS A 120 -5.33 13.79 8.61
CA HIS A 120 -4.10 13.27 8.05
C HIS A 120 -4.28 13.10 6.55
N PRO A 121 -3.22 13.32 5.78
CA PRO A 121 -3.43 13.42 4.33
C PRO A 121 -3.81 12.08 3.74
N GLU A 122 -4.79 12.11 2.84
CA GLU A 122 -5.34 10.93 2.16
C GLU A 122 -5.23 11.12 0.66
N ASN A 123 -4.50 10.22 -0.01
CA ASN A 123 -4.33 10.37 -1.45
C ASN A 123 -5.65 10.30 -2.19
N THR A 124 -6.68 9.67 -1.61
CA THR A 124 -7.96 9.56 -2.31
C THR A 124 -8.79 10.84 -2.20
N ASP A 125 -8.50 11.69 -1.22
CA ASP A 125 -9.32 12.86 -0.93
C ASP A 125 -8.60 14.17 -1.24
N VAL A 126 -7.28 14.15 -1.26
CA VAL A 126 -6.50 15.39 -1.27
C VAL A 126 -5.70 15.48 -2.56
N PRO A 127 -6.02 16.44 -3.42
CA PRO A 127 -5.22 16.64 -4.62
C PRO A 127 -3.80 17.04 -4.25
N GLY A 128 -2.81 16.33 -4.80
CA GLY A 128 -1.43 16.60 -4.49
C GLY A 128 -0.88 15.79 -3.35
N ALA A 129 -1.70 14.96 -2.70
CA ALA A 129 -1.21 13.99 -1.72
C ALA A 129 -0.89 12.69 -2.42
N GLU A 130 0.39 12.38 -2.53
CA GLU A 130 0.80 11.19 -3.30
C GLU A 130 0.39 9.89 -2.62
N VAL A 131 0.37 9.89 -1.28
CA VAL A 131 0.12 8.71 -0.47
C VAL A 131 -0.66 9.17 0.75
N THR A 132 -1.13 8.20 1.52
CA THR A 132 -1.84 8.44 2.76
C THR A 132 -0.86 8.25 3.90
N THR A 133 -0.65 9.31 4.67
CA THR A 133 0.30 9.24 5.77
C THR A 133 -0.38 9.68 7.05
N GLY A 134 0.38 9.62 8.15
CA GLY A 134 -0.14 9.84 9.46
C GLY A 134 0.35 8.75 10.40
N PRO A 135 0.08 7.50 10.05
CA PRO A 135 0.73 6.40 10.78
C PRO A 135 2.22 6.53 10.54
N LEU A 136 2.95 6.73 11.63
CA LEU A 136 4.34 7.10 11.53
C LEU A 136 5.17 6.00 10.89
N GLY A 137 6.20 6.43 10.17
CA GLY A 137 7.07 5.54 9.48
C GLY A 137 6.66 5.24 8.07
N GLN A 138 5.39 5.37 7.73
CA GLN A 138 4.92 4.90 6.42
C GLN A 138 5.43 5.76 5.30
N GLY A 139 5.32 7.09 5.44
CA GLY A 139 5.64 7.97 4.32
C GLY A 139 7.05 7.81 3.81
N ILE A 140 8.02 7.78 4.71
CA ILE A 140 9.40 7.63 4.23
C ILE A 140 9.57 6.34 3.44
N CYS A 141 8.95 5.24 3.90
CA CYS A 141 9.00 3.99 3.15
C CYS A 141 8.26 4.14 1.81
N ASN A 142 7.13 4.86 1.80
CA ASN A 142 6.46 5.14 0.54
C ASN A 142 7.40 5.90 -0.40
N GLY A 143 8.17 6.84 0.16
CA GLY A 143 9.13 7.57 -0.65
C GLY A 143 10.20 6.67 -1.22
N VAL A 144 10.71 5.72 -0.43
CA VAL A 144 11.63 4.75 -0.98
C VAL A 144 10.99 4.01 -2.16
N GLY A 145 9.71 3.65 -2.03
CA GLY A 145 9.06 2.96 -3.14
C GLY A 145 8.86 3.83 -4.38
N ILE A 146 8.49 5.11 -4.18
CA ILE A 146 8.40 6.01 -5.30
C ILE A 146 9.75 6.13 -5.97
N ALA A 147 10.81 6.24 -5.19
CA ALA A 147 12.13 6.39 -5.77
C ALA A 147 12.58 5.11 -6.44
N LEU A 148 12.22 3.95 -5.86
CA LEU A 148 12.51 2.67 -6.49
C LEU A 148 11.82 2.58 -7.85
N ALA A 149 10.52 2.89 -7.90
CA ALA A 149 9.79 2.90 -9.17
C ALA A 149 10.42 3.86 -10.15
N GLN A 150 10.74 5.09 -9.71
CA GLN A 150 11.35 6.04 -10.64
C GLN A 150 12.63 5.46 -11.26
N ALA A 151 13.48 4.84 -10.44
CA ALA A 151 14.72 4.30 -10.95
C ALA A 151 14.45 3.20 -11.96
N GLN A 152 13.44 2.38 -11.68
CA GLN A 152 13.12 1.27 -12.55
C GLN A 152 12.51 1.79 -13.84
N PHE A 153 11.58 2.74 -13.70
CA PHE A 153 10.94 3.37 -14.83
C PHE A 153 11.98 4.02 -15.75
N ALA A 154 12.87 4.82 -15.16
CA ALA A 154 13.90 5.50 -15.96
C ALA A 154 14.80 4.48 -16.65
N ALA A 155 15.16 3.42 -15.95
CA ALA A 155 16.07 2.46 -16.59
C ALA A 155 15.36 1.76 -17.73
N THR A 156 14.06 1.55 -17.60
CA THR A 156 13.26 0.90 -18.64
C THR A 156 13.07 1.77 -19.88
N TYR A 157 12.88 3.08 -19.71
CA TYR A 157 12.43 3.93 -20.82
C TYR A 157 13.44 4.95 -21.29
N ASN A 158 14.31 5.44 -20.41
CA ASN A 158 15.20 6.51 -20.83
C ASN A 158 16.14 6.02 -21.94
N LYS A 159 16.43 6.92 -22.88
CA LYS A 159 17.34 6.63 -23.98
C LYS A 159 18.25 7.83 -24.15
N PRO A 160 19.35 7.71 -24.89
CA PRO A 160 20.17 8.91 -25.11
C PRO A 160 19.34 10.03 -25.73
N ASP A 161 19.51 11.23 -25.18
CA ASP A 161 18.75 12.41 -25.53
C ASP A 161 17.27 12.33 -25.15
N PHE A 162 16.83 11.27 -24.43
CA PHE A 162 15.43 11.15 -24.02
C PHE A 162 15.36 10.82 -22.54
N PRO A 163 15.56 11.82 -21.68
CA PRO A 163 15.37 11.64 -20.22
C PRO A 163 13.90 11.65 -19.86
N ILE A 164 13.20 10.58 -20.22
CA ILE A 164 11.78 10.48 -19.99
C ILE A 164 11.48 10.61 -18.51
N SER A 165 12.33 10.00 -17.69
CA SER A 165 12.17 10.02 -16.26
C SER A 165 13.46 10.45 -15.57
N ASP A 166 13.41 11.57 -14.86
CA ASP A 166 14.59 12.00 -14.12
C ASP A 166 14.19 12.70 -12.83
N SER A 167 13.05 12.35 -12.28
CA SER A 167 12.49 13.06 -11.14
C SER A 167 13.05 12.58 -9.81
N TYR A 168 12.91 13.47 -8.82
CA TYR A 168 13.31 13.25 -7.44
C TYR A 168 12.11 12.96 -6.54
N THR A 169 12.43 12.43 -5.38
CA THR A 169 11.47 12.05 -4.35
C THR A 169 11.93 12.75 -3.08
N TYR A 170 11.13 13.71 -2.61
CA TYR A 170 11.44 14.51 -1.44
C TYR A 170 10.53 14.05 -0.31
N VAL A 171 11.11 13.72 0.85
CA VAL A 171 10.34 13.23 1.97
C VAL A 171 10.65 14.09 3.18
N PHE A 172 9.60 14.53 3.87
CA PHE A 172 9.76 15.07 5.21
C PHE A 172 9.42 14.00 6.24
N LEU A 173 10.22 13.90 7.29
CA LEU A 173 9.92 12.98 8.37
C LEU A 173 10.41 13.55 9.68
N GLY A 174 9.83 13.02 10.76
CA GLY A 174 10.16 13.43 12.11
C GLY A 174 10.86 12.34 12.90
N ASP A 175 11.10 12.65 14.19
CA ASP A 175 11.69 11.69 15.11
C ASP A 175 10.83 10.45 15.22
N GLY A 176 9.52 10.63 15.16
CA GLY A 176 8.63 9.50 15.30
C GLY A 176 8.84 8.52 14.18
N CYS A 177 8.94 9.02 12.96
CA CYS A 177 9.17 8.11 11.85
C CYS A 177 10.51 7.41 12.01
N LEU A 178 11.50 8.12 12.55
CA LEU A 178 12.83 7.53 12.72
C LEU A 178 12.88 6.50 13.84
N MET A 179 11.93 6.54 14.78
CA MET A 179 11.83 5.51 15.82
C MET A 179 11.11 4.27 15.32
N GLU A 180 10.20 4.41 14.36
CA GLU A 180 9.43 3.26 13.88
C GLU A 180 10.31 2.30 13.06
N GLY A 181 10.26 1.04 13.41
CA GLY A 181 11.14 0.08 12.78
C GLY A 181 10.99 0.04 11.27
N VAL A 182 9.78 0.30 10.78
CA VAL A 182 9.57 0.17 9.35
C VAL A 182 10.50 1.12 8.59
N SER A 183 10.78 2.30 9.15
CA SER A 183 11.67 3.23 8.45
C SER A 183 13.11 2.75 8.46
N SER A 184 13.52 2.04 9.50
CA SER A 184 14.86 1.46 9.51
C SER A 184 14.99 0.45 8.38
N GLU A 185 13.98 -0.43 8.26
CA GLU A 185 13.99 -1.40 7.18
C GLU A 185 14.15 -0.71 5.85
N ALA A 186 13.27 0.25 5.57
CA ALA A 186 13.29 0.90 4.26
C ALA A 186 14.56 1.69 4.03
N SER A 187 15.13 2.28 5.09
CA SER A 187 16.33 3.09 4.93
C SER A 187 17.54 2.19 4.71
N SER A 188 17.64 1.06 5.42
CA SER A 188 18.66 0.09 5.10
C SER A 188 18.58 -0.32 3.62
N LEU A 189 17.39 -0.69 3.16
CA LEU A 189 17.23 -1.17 1.81
C LEU A 189 17.48 -0.03 0.81
N ALA A 190 17.02 1.19 1.10
CA ALA A 190 17.27 2.28 0.17
C ALA A 190 18.74 2.60 0.06
N GLY A 191 19.50 2.45 1.15
CA GLY A 191 20.92 2.68 1.05
C GLY A 191 21.56 1.60 0.21
N HIS A 192 21.17 0.37 0.49
CA HIS A 192 21.65 -0.74 -0.31
C HIS A 192 21.39 -0.51 -1.79
N LEU A 193 20.24 0.05 -2.12
CA LEU A 193 19.85 0.22 -3.50
C LEU A 193 20.37 1.51 -4.11
N GLN A 194 21.10 2.31 -3.35
CA GLN A 194 21.85 3.45 -3.88
C GLN A 194 20.93 4.45 -4.55
N LEU A 195 19.78 4.69 -3.92
CA LEU A 195 18.71 5.44 -4.56
C LEU A 195 18.99 6.93 -4.44
N GLY A 196 19.79 7.41 -5.39
CA GLY A 196 20.30 8.76 -5.35
C GLY A 196 19.29 9.84 -5.64
N ASN A 197 18.09 9.49 -6.10
CA ASN A 197 17.11 10.51 -6.33
C ASN A 197 16.15 10.65 -5.16
N LEU A 198 16.41 9.96 -4.05
CA LEU A 198 15.65 10.10 -2.83
C LEU A 198 16.37 11.10 -1.93
N ILE A 199 15.65 12.12 -1.51
CA ILE A 199 16.17 13.12 -0.61
C ILE A 199 15.16 13.26 0.51
N ALA A 200 15.56 12.88 1.69
CA ALA A 200 14.71 12.94 2.88
C ALA A 200 15.23 14.01 3.83
N PHE A 201 14.30 14.62 4.56
CA PHE A 201 14.59 15.73 5.45
C PHE A 201 14.08 15.37 6.83
N TRP A 202 14.98 15.31 7.79
CA TRP A 202 14.66 15.00 9.17
C TRP A 202 14.41 16.30 9.93
N ASP A 203 13.21 16.42 10.47
CA ASP A 203 12.87 17.52 11.35
C ASP A 203 13.44 17.25 12.73
N ASP A 204 14.66 17.74 12.94
CA ASP A 204 15.43 17.45 14.14
C ASP A 204 15.10 18.56 15.14
N ASN A 205 13.95 18.40 15.81
CA ASN A 205 13.45 19.40 16.76
C ASN A 205 13.47 18.93 18.21
N LYS A 206 14.03 17.75 18.49
CA LYS A 206 14.36 17.27 19.84
C LYS A 206 13.15 17.12 20.75
N ILE A 207 11.98 17.00 20.16
CA ILE A 207 10.72 16.95 20.90
C ILE A 207 9.82 15.89 20.25
N SER A 208 9.19 15.09 21.08
CA SER A 208 8.13 14.24 20.59
C SER A 208 6.97 14.34 21.57
N ILE A 209 5.95 13.51 21.42
CA ILE A 209 4.74 13.71 22.21
C ILE A 209 5.02 13.59 23.69
N ASP A 210 5.91 12.68 24.09
CA ASP A 210 6.17 12.48 25.51
C ASP A 210 7.11 13.50 26.08
N GLY A 211 7.66 14.37 25.27
CA GLY A 211 8.59 15.34 25.79
C GLY A 211 9.88 15.35 25.02
N SER A 212 10.96 15.72 25.69
CA SER A 212 12.23 15.74 25.01
C SER A 212 12.57 14.35 24.46
N THR A 213 13.24 14.32 23.31
CA THR A 213 13.73 13.04 22.82
C THR A 213 14.83 12.47 23.69
N GLU A 214 15.35 13.24 24.64
CA GLU A 214 16.32 12.66 25.57
C GLU A 214 15.72 11.53 26.39
N VAL A 215 14.38 11.45 26.52
CA VAL A 215 13.85 10.40 27.38
C VAL A 215 13.76 9.05 26.68
N ALA A 216 13.89 9.00 25.36
CA ALA A 216 13.67 7.74 24.67
C ALA A 216 14.41 7.60 23.35
N PHE A 217 15.07 8.66 22.87
CA PHE A 217 15.59 8.60 21.50
C PHE A 217 16.91 9.39 21.46
N THR A 218 17.97 8.73 21.92
CA THR A 218 19.29 9.35 22.08
C THR A 218 20.33 8.77 21.14
N GLU A 219 19.92 7.92 20.22
CA GLU A 219 20.82 7.36 19.23
C GLU A 219 21.41 8.46 18.35
N ASP A 220 22.56 8.13 17.75
CA ASP A 220 23.21 8.98 16.77
C ASP A 220 22.58 8.65 15.42
N VAL A 221 21.48 9.34 15.13
CA VAL A 221 20.71 9.13 13.89
C VAL A 221 21.63 9.25 12.68
N ILE A 222 22.45 10.31 12.68
CA ILE A 222 23.31 10.56 11.53
C ILE A 222 24.25 9.39 11.31
N ALA A 223 24.88 8.90 12.38
CA ALA A 223 25.80 7.77 12.24
C ALA A 223 25.06 6.55 11.75
N ARG A 224 23.84 6.35 12.24
CA ARG A 224 23.05 5.25 11.72
C ARG A 224 22.81 5.37 10.22
N TYR A 225 22.37 6.54 9.78
CA TYR A 225 22.13 6.68 8.35
C TYR A 225 23.41 6.54 7.54
N LYS A 226 24.56 7.00 8.06
CA LYS A 226 25.79 6.74 7.35
C LYS A 226 26.05 5.24 7.28
N SER A 227 25.66 4.50 8.32
CA SER A 227 25.87 3.06 8.29
C SER A 227 25.02 2.36 7.22
N TYR A 228 23.88 2.93 6.84
CA TYR A 228 23.08 2.41 5.74
C TYR A 228 23.62 2.79 4.38
N GLY A 229 24.62 3.67 4.33
CA GLY A 229 25.13 4.16 3.05
C GLY A 229 24.41 5.38 2.53
N TRP A 230 23.74 6.13 3.40
CA TRP A 230 23.15 7.40 2.97
C TRP A 230 24.19 8.50 3.03
N HIS A 231 24.00 9.48 2.15
CA HIS A 231 24.69 10.75 2.26
C HIS A 231 23.99 11.62 3.30
N ILE A 232 24.75 12.49 3.96
CA ILE A 232 24.19 13.37 4.98
C ILE A 232 24.49 14.81 4.62
N VAL A 233 23.50 15.70 4.77
CA VAL A 233 23.75 17.14 4.81
C VAL A 233 23.12 17.67 6.08
N GLU A 234 23.86 18.47 6.85
CA GLU A 234 23.32 19.03 8.08
C GLU A 234 23.08 20.52 7.90
N VAL A 235 21.88 20.95 8.25
CA VAL A 235 21.50 22.36 8.20
C VAL A 235 21.27 22.78 9.64
N SER A 236 22.23 23.53 10.20
CA SER A 236 22.18 23.81 11.62
C SER A 236 21.12 24.84 12.00
N ASP A 237 20.65 25.69 11.08
CA ASP A 237 19.61 26.66 11.39
C ASP A 237 18.51 26.57 10.35
N ALA A 238 17.70 25.50 10.43
CA ALA A 238 16.65 25.33 9.46
C ALA A 238 15.43 26.16 9.80
N ASP A 239 15.47 26.92 10.91
CA ASP A 239 14.40 27.87 11.16
C ASP A 239 14.45 29.03 10.20
N THR A 240 15.65 29.40 9.72
CA THR A 240 15.80 30.58 8.88
C THR A 240 16.65 30.38 7.63
N ASP A 241 17.54 29.39 7.59
CA ASP A 241 18.57 29.31 6.53
C ASP A 241 18.04 28.54 5.32
N ILE A 242 17.09 29.16 4.59
CA ILE A 242 16.57 28.50 3.40
C ILE A 242 17.62 28.43 2.31
N THR A 243 18.66 29.27 2.37
CA THR A 243 19.73 29.15 1.40
C THR A 243 20.47 27.82 1.59
N ALA A 244 20.73 27.47 2.85
CA ALA A 244 21.40 26.22 3.14
C ALA A 244 20.52 25.03 2.83
N ILE A 245 19.20 25.17 2.99
CA ILE A 245 18.31 24.05 2.66
C ILE A 245 18.34 23.80 1.15
N ALA A 246 18.27 24.87 0.36
CA ALA A 246 18.36 24.75 -1.09
C ALA A 246 19.73 24.19 -1.48
N ALA A 247 20.79 24.65 -0.82
CA ALA A 247 22.12 24.14 -1.14
C ALA A 247 22.23 22.66 -0.78
N ALA A 248 21.52 22.22 0.26
CA ALA A 248 21.55 20.81 0.63
C ALA A 248 20.89 19.95 -0.43
N ILE A 249 19.82 20.47 -1.06
CA ILE A 249 19.21 19.78 -2.19
C ILE A 249 20.19 19.70 -3.34
N ASP A 250 20.81 20.82 -3.69
CA ASP A 250 21.81 20.79 -4.76
C ASP A 250 22.89 19.76 -4.48
N GLU A 251 23.35 19.68 -3.24
CA GLU A 251 24.41 18.75 -2.88
C GLU A 251 23.92 17.34 -3.02
N ALA A 252 22.72 17.09 -2.49
CA ALA A 252 22.15 15.77 -2.58
C ALA A 252 22.05 15.32 -4.03
N LYS A 253 21.70 16.24 -4.94
CA LYS A 253 21.55 15.84 -6.34
C LYS A 253 22.89 15.50 -7.00
N LYS A 254 23.99 16.01 -6.46
CA LYS A 254 25.31 15.62 -6.94
C LYS A 254 25.69 14.20 -6.56
N VAL A 255 25.08 13.65 -5.50
CA VAL A 255 25.45 12.34 -4.97
C VAL A 255 24.46 11.37 -5.57
N THR A 256 24.80 10.85 -6.74
CA THR A 256 23.83 10.11 -7.52
C THR A 256 23.71 8.65 -7.10
N ASN A 257 24.59 8.16 -6.22
CA ASN A 257 24.58 6.77 -5.79
C ASN A 257 24.29 6.58 -4.32
N LYS A 258 23.70 7.57 -3.65
CA LYS A 258 23.28 7.42 -2.25
C LYS A 258 22.02 8.23 -2.05
N PRO A 259 21.02 7.70 -1.36
CA PRO A 259 19.97 8.58 -0.87
C PRO A 259 20.56 9.50 0.18
N THR A 260 19.98 10.71 0.29
CA THR A 260 20.50 11.71 1.21
C THR A 260 19.50 11.95 2.33
N LEU A 261 20.02 12.13 3.54
CA LEU A 261 19.25 12.62 4.67
C LEU A 261 19.74 14.02 4.98
N VAL A 262 18.83 14.98 4.94
CA VAL A 262 19.11 16.35 5.33
C VAL A 262 18.59 16.56 6.74
N ARG A 263 19.51 16.87 7.63
CA ARG A 263 19.19 17.10 9.03
C ARG A 263 18.77 18.54 9.16
N LEU A 264 17.49 18.77 9.41
CA LEU A 264 16.96 20.13 9.60
C LEU A 264 16.88 20.40 11.09
N THR A 265 17.81 21.16 11.63
CA THR A 265 17.69 21.55 13.03
C THR A 265 16.69 22.69 13.15
N THR A 266 15.52 22.41 13.72
CA THR A 266 14.43 23.36 13.82
C THR A 266 13.97 23.47 15.26
N THR A 267 13.20 24.54 15.48
CA THR A 267 12.46 24.73 16.71
C THR A 267 11.00 24.35 16.46
N ILE A 268 10.50 23.33 17.15
CA ILE A 268 9.11 22.98 16.93
C ILE A 268 8.27 24.17 17.34
N GLY A 269 7.27 24.49 16.52
CA GLY A 269 6.42 25.61 16.87
C GLY A 269 7.10 26.94 16.75
N PHE A 270 8.15 27.01 15.94
CA PHE A 270 8.91 28.25 15.79
C PHE A 270 8.01 29.46 15.72
N GLY A 271 8.29 30.44 16.59
CA GLY A 271 7.56 31.67 16.65
C GLY A 271 6.54 31.71 17.77
N SER A 272 5.95 30.56 18.10
CA SER A 272 4.95 30.48 19.16
C SER A 272 5.58 30.78 20.50
N LEU A 273 4.74 31.32 21.40
CA LEU A 273 5.16 31.47 22.78
C LEU A 273 5.61 30.16 23.36
N ALA A 274 5.00 29.05 22.91
CA ALA A 274 5.30 27.70 23.38
C ALA A 274 6.25 26.95 22.46
N GLN A 275 6.94 27.68 21.58
CA GLN A 275 7.94 27.02 20.74
C GLN A 275 8.90 26.21 21.60
N GLY A 276 9.38 25.11 21.02
CA GLY A 276 10.32 24.19 21.67
C GLY A 276 9.75 23.42 22.84
N THR A 277 8.43 23.28 22.94
CA THR A 277 7.79 22.48 23.98
C THR A 277 6.88 21.43 23.35
N HIS A 278 6.67 20.30 24.05
CA HIS A 278 5.83 19.27 23.44
C HIS A 278 4.36 19.69 23.39
N GLY A 279 3.97 20.70 24.15
CA GLY A 279 2.60 21.18 24.08
C GLY A 279 2.23 21.78 22.75
N VAL A 280 3.21 22.33 22.01
CA VAL A 280 2.95 22.89 20.68
C VAL A 280 2.83 21.79 19.64
N CYS A 281 3.08 20.53 20.03
CA CYS A 281 3.10 19.44 19.06
C CYS A 281 1.73 19.23 18.42
N GLY A 282 0.70 19.06 19.26
CA GLY A 282 -0.58 18.53 18.81
C GLY A 282 -1.81 19.15 19.42
N ALA A 283 -1.73 20.41 19.81
CA ALA A 283 -2.92 21.12 20.26
C ALA A 283 -2.95 22.51 19.65
N PRO A 284 -4.15 23.01 19.36
CA PRO A 284 -4.28 24.39 18.88
C PRO A 284 -3.57 25.36 19.80
N LEU A 285 -2.95 26.37 19.20
CA LEU A 285 -2.34 27.44 19.96
C LEU A 285 -3.40 28.30 20.64
N LYS A 286 -3.00 28.97 21.71
CA LYS A 286 -3.91 29.90 22.35
C LYS A 286 -4.11 31.12 21.46
N ALA A 287 -5.27 31.75 21.59
CA ALA A 287 -5.60 32.87 20.72
C ALA A 287 -4.57 33.98 20.82
N ASP A 288 -4.09 34.26 22.04
CA ASP A 288 -3.14 35.34 22.18
C ASP A 288 -1.80 35.00 21.56
N ASP A 289 -1.47 33.73 21.54
CA ASP A 289 -0.26 33.29 20.88
C ASP A 289 -0.37 33.56 19.40
N ILE A 290 -1.52 33.24 18.84
CA ILE A 290 -1.70 33.46 17.40
C ILE A 290 -1.60 34.96 17.09
N LYS A 291 -2.16 35.80 17.97
CA LYS A 291 -2.06 37.24 17.74
C LYS A 291 -0.61 37.69 17.66
N GLN A 292 0.25 37.25 18.60
CA GLN A 292 1.63 37.75 18.59
C GLN A 292 2.44 37.15 17.44
N LEU A 293 2.14 35.92 17.03
CA LEU A 293 2.70 35.36 15.81
C LEU A 293 2.49 36.29 14.65
N LYS A 294 1.25 36.69 14.47
CA LYS A 294 0.91 37.51 13.31
C LYS A 294 1.56 38.87 13.41
N THR A 295 1.52 39.49 14.58
CA THR A 295 2.09 40.83 14.67
C THR A 295 3.59 40.81 14.44
N LYS A 296 4.28 39.81 14.97
CA LYS A 296 5.74 39.81 14.85
C LYS A 296 6.17 39.58 13.41
N TRP A 297 5.33 38.96 12.61
CA TRP A 297 5.65 38.66 11.22
C TRP A 297 4.98 39.62 10.26
N GLY A 298 4.30 40.65 10.77
CA GLY A 298 3.79 41.67 9.91
C GLY A 298 2.39 41.44 9.39
N PHE A 299 1.69 40.47 9.97
CA PHE A 299 0.34 40.14 9.56
C PHE A 299 -0.67 40.76 10.52
N ASN A 300 -1.93 40.76 10.10
CA ASN A 300 -2.98 41.38 10.89
C ASN A 300 -3.47 40.36 11.90
N PRO A 301 -3.32 40.61 13.21
CA PRO A 301 -3.78 39.62 14.21
C PRO A 301 -5.26 39.45 14.22
N GLU A 302 -6.02 40.33 13.58
CA GLU A 302 -7.46 40.20 13.48
C GLU A 302 -7.89 39.39 12.27
N GLU A 303 -6.94 38.98 11.44
CA GLU A 303 -7.25 38.33 10.18
C GLU A 303 -6.80 36.87 10.25
N SER A 304 -7.61 36.00 9.69
N SER A 304 -7.63 35.99 9.72
CA SER A 304 -7.26 34.59 9.55
CA SER A 304 -7.27 34.59 9.56
C SER A 304 -7.26 34.19 8.08
C SER A 304 -7.24 34.22 8.08
N PHE A 305 -6.41 33.21 7.78
CA PHE A 305 -6.30 32.67 6.42
C PHE A 305 -5.88 33.73 5.42
N ALA A 306 -4.94 34.58 5.81
CA ALA A 306 -4.47 35.63 4.93
C ALA A 306 -3.54 35.03 3.89
N VAL A 307 -3.67 35.46 2.63
CA VAL A 307 -2.79 35.01 1.56
C VAL A 307 -2.33 36.25 0.80
N PRO A 308 -1.19 36.81 1.17
CA PRO A 308 -0.65 37.95 0.43
C PRO A 308 -0.51 37.62 -1.05
N ALA A 309 -0.98 38.53 -1.90
CA ALA A 309 -0.95 38.26 -3.31
C ALA A 309 0.46 38.14 -3.83
N GLU A 310 1.42 38.80 -3.18
CA GLU A 310 2.79 38.64 -3.63
C GLU A 310 3.28 37.21 -3.49
N VAL A 311 2.76 36.48 -2.49
CA VAL A 311 3.17 35.08 -2.31
C VAL A 311 2.56 34.21 -3.40
N THR A 312 1.27 34.37 -3.63
CA THR A 312 0.59 33.74 -4.75
C THR A 312 1.34 33.97 -6.05
N ALA A 313 1.74 35.22 -6.29
CA ALA A 313 2.38 35.55 -7.55
C ALA A 313 3.72 34.84 -7.67
N SER A 314 4.51 34.87 -6.60
CA SER A 314 5.82 34.26 -6.60
C SER A 314 5.67 32.78 -6.85
N TYR A 315 4.70 32.19 -6.19
CA TYR A 315 4.47 30.78 -6.37
C TYR A 315 4.00 30.49 -7.78
N ASN A 316 3.08 31.33 -8.34
CA ASN A 316 2.61 31.16 -9.71
C ASN A 316 3.74 31.25 -10.72
N GLU A 317 4.79 32.02 -10.44
CA GLU A 317 5.93 32.07 -11.36
C GLU A 317 6.59 30.72 -11.47
N HIS A 318 6.78 30.07 -10.32
CA HIS A 318 7.36 28.75 -10.30
C HIS A 318 6.46 27.73 -10.99
N VAL A 319 5.15 27.82 -10.74
CA VAL A 319 4.22 26.95 -11.45
C VAL A 319 4.33 27.12 -12.95
N ALA A 320 4.32 28.38 -13.42
CA ALA A 320 4.41 28.61 -14.85
C ALA A 320 5.66 28.00 -15.43
N GLU A 321 6.79 28.14 -14.72
CA GLU A 321 8.03 27.54 -15.18
C GLU A 321 7.91 26.03 -15.22
N ASN A 322 7.28 25.45 -14.20
CA ASN A 322 7.09 23.99 -14.19
C ASN A 322 6.17 23.54 -15.30
N GLN A 323 5.13 24.32 -15.60
CA GLN A 323 4.23 23.96 -16.67
C GLN A 323 4.92 24.01 -18.01
N LYS A 324 5.85 24.96 -18.18
CA LYS A 324 6.65 24.94 -19.40
C LYS A 324 7.59 23.74 -19.43
N ILE A 325 8.12 23.33 -18.29
CA ILE A 325 8.92 22.11 -18.29
C ILE A 325 8.06 20.93 -18.66
N GLN A 326 6.82 20.87 -18.16
CA GLN A 326 5.98 19.73 -18.53
C GLN A 326 5.61 19.79 -20.01
N GLN A 327 5.37 20.99 -20.55
CA GLN A 327 5.05 21.13 -21.95
C GLN A 327 6.18 20.58 -22.82
N GLN A 328 7.42 20.91 -22.46
CA GLN A 328 8.59 20.41 -23.18
C GLN A 328 8.74 18.91 -23.00
N TRP A 329 8.43 18.42 -21.81
CA TRP A 329 8.41 16.99 -21.58
C TRP A 329 7.42 16.30 -22.50
N ASN A 330 6.23 16.88 -22.69
CA ASN A 330 5.26 16.28 -23.60
C ASN A 330 5.82 16.20 -25.02
N GLU A 331 6.57 17.22 -25.46
CA GLU A 331 7.18 17.18 -26.78
C GLU A 331 8.31 16.18 -26.83
N LEU A 332 9.06 16.07 -25.74
CA LEU A 332 10.09 15.04 -25.66
C LEU A 332 9.48 13.65 -25.79
N PHE A 333 8.34 13.44 -25.15
CA PHE A 333 7.65 12.16 -25.24
C PHE A 333 7.18 11.91 -26.67
N ALA A 334 6.66 12.95 -27.32
CA ALA A 334 6.20 12.73 -28.68
C ALA A 334 7.36 12.38 -29.59
N ALA A 335 8.50 13.01 -29.40
CA ALA A 335 9.68 12.69 -30.20
C ALA A 335 10.20 11.31 -29.86
N TYR A 336 10.06 10.92 -28.59
CA TYR A 336 10.39 9.58 -28.18
C TYR A 336 9.57 8.56 -28.92
N LYS A 337 8.26 8.78 -29.03
CA LYS A 337 7.42 7.82 -29.73
C LYS A 337 7.79 7.72 -31.19
N GLN A 338 8.26 8.82 -31.77
CA GLN A 338 8.73 8.74 -33.16
C GLN A 338 9.99 7.88 -33.28
N LYS A 339 10.93 8.01 -32.35
CA LYS A 339 12.22 7.36 -32.46
C LYS A 339 12.21 5.93 -31.95
N TYR A 340 11.36 5.66 -30.97
CA TYR A 340 11.27 4.37 -30.28
C TYR A 340 9.81 3.98 -30.26
N PRO A 341 9.25 3.59 -31.40
CA PRO A 341 7.80 3.44 -31.50
C PRO A 341 7.26 2.39 -30.54
N GLU A 342 8.00 1.28 -30.36
CA GLU A 342 7.52 0.20 -29.50
C GLU A 342 7.51 0.63 -28.04
N LEU A 343 8.66 1.09 -27.54
CA LEU A 343 8.69 1.61 -26.18
C LEU A 343 7.71 2.75 -25.98
N GLY A 344 7.62 3.65 -26.96
CA GLY A 344 6.73 4.78 -26.82
C GLY A 344 5.28 4.37 -26.68
N ALA A 345 4.85 3.36 -27.45
CA ALA A 345 3.48 2.92 -27.36
C ALA A 345 3.23 2.21 -26.04
N GLU A 346 4.23 1.48 -25.57
CA GLU A 346 4.12 0.82 -24.29
C GLU A 346 3.96 1.85 -23.18
N LEU A 347 4.78 2.90 -23.23
CA LEU A 347 4.70 3.94 -22.23
C LEU A 347 3.37 4.66 -22.28
N GLN A 348 2.88 4.99 -23.48
CA GLN A 348 1.59 5.66 -23.57
C GLN A 348 0.47 4.80 -22.98
N ARG A 349 0.50 3.52 -23.30
CA ARG A 349 -0.47 2.57 -22.76
C ARG A 349 -0.47 2.60 -21.25
N ARG A 350 0.71 2.55 -20.65
CA ARG A 350 0.80 2.58 -19.20
C ARG A 350 0.32 3.89 -18.61
N LEU A 351 0.67 5.02 -19.24
CA LEU A 351 0.20 6.30 -18.73
C LEU A 351 -1.30 6.48 -18.90
N ASP A 352 -1.91 5.74 -19.81
CA ASP A 352 -3.35 5.69 -19.96
C ASP A 352 -4.01 4.75 -18.97
N GLY A 353 -3.23 4.00 -18.20
CA GLY A 353 -3.80 3.14 -17.20
C GLY A 353 -4.31 1.85 -17.76
N LYS A 354 -3.78 1.42 -18.89
CA LYS A 354 -4.33 0.29 -19.60
C LYS A 354 -3.31 -0.84 -19.66
N LEU A 355 -3.76 -2.05 -19.33
CA LEU A 355 -2.94 -3.22 -19.51
C LEU A 355 -2.80 -3.55 -21.00
N PRO A 356 -1.81 -4.38 -21.35
CA PRO A 356 -1.70 -4.81 -22.75
C PRO A 356 -2.96 -5.55 -23.20
N GLU A 357 -3.35 -5.30 -24.44
CA GLU A 357 -4.55 -5.94 -24.96
C GLU A 357 -4.41 -7.45 -24.86
N ASN A 358 -5.44 -8.10 -24.33
CA ASN A 358 -5.51 -9.56 -24.22
C ASN A 358 -4.33 -10.14 -23.43
N TRP A 359 -3.74 -9.36 -22.51
CA TRP A 359 -2.62 -9.90 -21.73
C TRP A 359 -3.04 -11.17 -21.02
N ASP A 360 -4.31 -11.26 -20.64
CA ASP A 360 -4.76 -12.40 -19.85
C ASP A 360 -4.78 -13.69 -20.65
N LYS A 361 -4.60 -13.64 -21.97
CA LYS A 361 -4.45 -14.91 -22.69
C LYS A 361 -3.19 -15.64 -22.29
N ALA A 362 -2.31 -15.00 -21.52
CA ALA A 362 -1.12 -15.68 -21.02
C ALA A 362 -1.40 -16.47 -19.75
N LEU A 363 -2.55 -16.25 -19.10
CA LEU A 363 -2.81 -16.96 -17.85
C LEU A 363 -2.87 -18.46 -18.10
N PRO A 364 -2.15 -19.26 -17.34
CA PRO A 364 -2.27 -20.71 -17.46
C PRO A 364 -3.68 -21.18 -17.15
N VAL A 365 -4.10 -22.22 -17.87
CA VAL A 365 -5.39 -22.86 -17.67
C VAL A 365 -5.14 -24.36 -17.47
N TYR A 366 -5.90 -24.97 -16.57
CA TYR A 366 -5.74 -26.35 -16.16
C TYR A 366 -7.05 -27.10 -16.36
N THR A 367 -6.94 -28.42 -16.45
CA THR A 367 -8.11 -29.29 -16.48
C THR A 367 -8.00 -30.27 -15.33
N PRO A 368 -9.06 -31.03 -15.04
CA PRO A 368 -8.96 -32.01 -13.96
C PRO A 368 -8.02 -33.16 -14.26
N ALA A 369 -7.50 -33.27 -15.48
CA ALA A 369 -6.56 -34.32 -15.79
C ALA A 369 -5.14 -33.93 -15.49
N ASP A 370 -4.90 -32.65 -15.20
CA ASP A 370 -3.57 -32.21 -14.85
C ASP A 370 -3.22 -32.61 -13.42
N ALA A 371 -1.93 -32.59 -13.15
CA ALA A 371 -1.41 -33.04 -11.87
C ALA A 371 -1.74 -32.05 -10.77
N ALA A 372 -1.77 -32.56 -9.55
CA ALA A 372 -1.83 -31.71 -8.37
C ALA A 372 -0.62 -30.78 -8.31
N VAL A 373 -0.86 -29.56 -7.85
CA VAL A 373 0.19 -28.54 -7.76
C VAL A 373 -0.15 -27.69 -6.54
N ALA A 374 0.89 -27.30 -5.81
CA ALA A 374 0.72 -26.33 -4.72
C ALA A 374 0.34 -24.98 -5.31
N THR A 375 -0.51 -24.23 -4.62
CA THR A 375 -0.84 -22.96 -5.26
C THR A 375 0.34 -21.97 -5.21
N ARG A 376 1.34 -22.16 -4.34
CA ARG A 376 2.54 -21.33 -4.47
C ARG A 376 3.23 -21.60 -5.80
N LYS A 377 3.23 -22.85 -6.24
CA LYS A 377 3.90 -23.20 -7.48
C LYS A 377 3.06 -22.77 -8.67
N LEU A 378 1.74 -22.90 -8.56
CA LEU A 378 0.89 -22.35 -9.60
C LEU A 378 1.13 -20.86 -9.77
N SER A 379 1.32 -20.16 -8.65
CA SER A 379 1.63 -18.73 -8.63
C SER A 379 2.94 -18.44 -9.38
N GLU A 380 3.99 -19.19 -9.07
CA GLU A 380 5.24 -19.07 -9.82
C GLU A 380 5.00 -19.20 -11.30
N ILE A 381 4.19 -20.17 -11.68
CA ILE A 381 3.96 -20.42 -13.10
C ILE A 381 3.20 -19.26 -13.72
N VAL A 382 2.21 -18.71 -13.01
CA VAL A 382 1.49 -17.55 -13.50
C VAL A 382 2.46 -16.39 -13.71
N LEU A 383 3.24 -16.07 -12.68
CA LEU A 383 4.22 -15.00 -12.85
C LEU A 383 5.13 -15.27 -14.03
N SER A 384 5.59 -16.50 -14.20
CA SER A 384 6.49 -16.79 -15.32
C SER A 384 5.84 -16.53 -16.68
N LYS A 385 4.52 -16.67 -16.76
CA LYS A 385 3.83 -16.39 -18.03
C LYS A 385 3.45 -14.92 -18.20
N ILE A 386 3.13 -14.20 -17.12
CA ILE A 386 2.56 -12.88 -17.31
C ILE A 386 3.61 -11.79 -17.18
N ILE A 387 4.70 -12.06 -16.47
CA ILE A 387 5.76 -11.06 -16.37
C ILE A 387 6.29 -10.70 -17.77
N PRO A 388 6.55 -11.65 -18.66
CA PRO A 388 7.03 -11.28 -20.01
C PRO A 388 6.01 -10.50 -20.81
N GLU A 389 4.73 -10.65 -20.50
CA GLU A 389 3.66 -10.01 -21.25
C GLU A 389 3.25 -8.64 -20.70
N VAL A 390 3.55 -8.33 -19.43
CA VAL A 390 3.09 -7.10 -18.79
C VAL A 390 4.29 -6.43 -18.14
N PRO A 391 4.91 -5.46 -18.80
CA PRO A 391 6.20 -4.96 -18.30
C PRO A 391 6.06 -4.18 -17.00
N GLU A 392 4.88 -3.71 -16.70
CA GLU A 392 4.62 -2.94 -15.50
C GLU A 392 4.46 -3.82 -14.27
N ILE A 393 4.56 -5.14 -14.42
CA ILE A 393 4.68 -5.99 -13.24
C ILE A 393 6.13 -6.02 -12.78
N ILE A 394 6.33 -5.66 -11.51
CA ILE A 394 7.59 -5.91 -10.81
C ILE A 394 7.20 -6.38 -9.42
N GLY A 395 8.14 -7.00 -8.73
CA GLY A 395 7.84 -7.43 -7.38
C GLY A 395 9.02 -8.16 -6.78
N GLY A 396 8.82 -8.71 -5.59
CA GLY A 396 9.91 -9.32 -4.88
C GLY A 396 9.39 -10.17 -3.74
N SER A 397 10.32 -10.54 -2.87
CA SER A 397 10.01 -11.32 -1.69
C SER A 397 10.85 -10.81 -0.54
N ALA A 398 10.29 -10.96 0.66
CA ALA A 398 11.01 -10.59 1.88
C ALA A 398 11.85 -11.78 2.36
N ASP A 399 12.93 -12.01 1.61
CA ASP A 399 13.89 -13.10 1.86
C ASP A 399 13.24 -14.47 1.84
N LEU A 400 12.20 -14.68 1.03
CA LEU A 400 11.63 -16.00 0.90
C LEU A 400 11.47 -16.39 -0.55
N THR A 401 12.37 -15.92 -1.41
CA THR A 401 12.19 -16.17 -2.82
C THR A 401 12.10 -17.65 -3.13
N PRO A 402 12.93 -18.52 -2.58
CA PRO A 402 12.85 -19.94 -2.95
C PRO A 402 11.72 -20.69 -2.28
N SER A 403 10.98 -20.05 -1.36
CA SER A 403 9.83 -20.65 -0.69
C SER A 403 8.51 -20.08 -1.18
N ASN A 404 8.45 -18.76 -1.42
CA ASN A 404 7.23 -18.19 -2.00
C ASN A 404 7.13 -18.47 -3.49
N LEU A 405 8.28 -18.67 -4.15
CA LEU A 405 8.38 -18.91 -5.59
C LEU A 405 7.92 -17.72 -6.43
N THR A 406 8.45 -16.55 -6.07
CA THR A 406 8.02 -15.27 -6.62
C THR A 406 8.89 -14.73 -7.74
N LYS A 407 10.02 -15.39 -8.10
CA LYS A 407 10.83 -14.91 -9.20
C LYS A 407 10.64 -15.78 -10.43
N ALA A 408 10.48 -15.13 -11.57
CA ALA A 408 10.40 -15.84 -12.84
C ALA A 408 11.81 -16.05 -13.34
N LYS A 409 12.13 -17.29 -13.71
CA LYS A 409 13.45 -17.59 -14.23
C LYS A 409 13.78 -16.66 -15.39
N GLY A 410 14.99 -16.18 -15.43
CA GLY A 410 15.37 -15.32 -16.53
C GLY A 410 15.08 -13.84 -16.33
N THR A 411 14.52 -13.43 -15.20
CA THR A 411 14.45 -12.00 -14.93
C THR A 411 15.69 -11.61 -14.15
N VAL A 412 15.98 -10.31 -14.10
CA VAL A 412 17.14 -9.83 -13.37
C VAL A 412 16.64 -9.01 -12.18
N ASP A 413 17.45 -9.01 -11.13
CA ASP A 413 17.07 -8.33 -9.91
C ASP A 413 17.25 -6.84 -10.08
N PHE A 414 16.36 -6.10 -9.46
CA PHE A 414 16.51 -4.67 -9.27
C PHE A 414 17.64 -4.41 -8.29
N GLN A 415 18.76 -3.89 -8.79
CA GLN A 415 19.96 -3.58 -8.03
C GLN A 415 20.63 -2.43 -8.74
N PRO A 416 21.31 -1.54 -8.04
CA PRO A 416 22.19 -0.61 -8.74
C PRO A 416 23.25 -1.39 -9.50
N ALA A 417 23.47 -1.02 -10.76
CA ALA A 417 24.41 -1.79 -11.57
C ALA A 417 25.78 -1.83 -10.96
N ALA A 418 26.15 -0.81 -10.19
CA ALA A 418 27.47 -0.79 -9.55
C ALA A 418 27.75 -2.00 -8.70
N THR A 419 26.72 -2.70 -8.20
CA THR A 419 26.92 -3.85 -7.35
C THR A 419 27.29 -5.09 -8.14
N GLY A 420 26.97 -5.11 -9.44
CA GLY A 420 27.10 -6.30 -10.23
C GLY A 420 26.04 -7.35 -10.01
N LEU A 421 25.02 -7.06 -9.20
CA LEU A 421 24.04 -8.04 -8.79
C LEU A 421 22.70 -7.87 -9.48
N GLY A 422 22.57 -6.83 -10.29
CA GLY A 422 21.32 -6.54 -10.94
C GLY A 422 21.47 -5.25 -11.68
N ASP A 423 20.34 -4.68 -12.04
CA ASP A 423 20.32 -3.38 -12.68
C ASP A 423 19.01 -2.69 -12.31
N TYR A 424 18.97 -1.37 -12.44
CA TYR A 424 17.73 -0.72 -12.14
C TYR A 424 16.63 -1.09 -13.13
N SER A 425 16.95 -1.62 -14.31
CA SER A 425 15.92 -2.15 -15.17
C SER A 425 15.38 -3.50 -14.73
N GLY A 426 15.98 -4.10 -13.69
CA GLY A 426 15.51 -5.38 -13.22
C GLY A 426 14.10 -5.29 -12.70
N ARG A 427 13.51 -6.45 -12.58
CA ARG A 427 12.12 -6.53 -12.22
C ARG A 427 11.86 -7.32 -10.96
N TYR A 428 12.90 -7.77 -10.26
CA TYR A 428 12.73 -8.60 -9.07
C TYR A 428 13.48 -7.97 -7.93
N ILE A 429 12.75 -7.67 -6.87
CA ILE A 429 13.31 -6.94 -5.72
C ILE A 429 13.62 -7.91 -4.59
N ARG A 430 14.87 -7.85 -4.10
CA ARG A 430 15.30 -8.58 -2.91
C ARG A 430 15.02 -7.69 -1.70
N TYR A 431 13.82 -7.83 -1.13
CA TYR A 431 13.48 -6.97 -0.01
C TYR A 431 14.24 -7.30 1.29
N GLY A 432 14.82 -8.48 1.40
CA GLY A 432 15.35 -8.91 2.67
C GLY A 432 14.21 -9.17 3.67
N VAL A 433 14.57 -9.43 4.93
CA VAL A 433 13.59 -9.80 5.93
C VAL A 433 12.96 -8.52 6.48
N ARG A 434 12.14 -7.91 5.64
CA ARG A 434 11.63 -6.57 5.86
C ARG A 434 10.17 -6.50 5.40
N GLU A 435 9.27 -7.29 6.00
CA GLU A 435 7.90 -7.36 5.46
C GLU A 435 7.19 -6.02 5.53
N HIS A 436 7.32 -5.32 6.66
CA HIS A 436 6.59 -4.08 6.84
C HIS A 436 7.05 -3.07 5.80
N ALA A 437 8.35 -2.80 5.70
CA ALA A 437 8.80 -1.88 4.68
C ALA A 437 8.44 -2.38 3.27
N MET A 438 8.44 -3.69 3.02
CA MET A 438 8.05 -4.19 1.70
C MET A 438 6.61 -3.78 1.40
N GLY A 439 5.74 -3.89 2.41
CA GLY A 439 4.38 -3.41 2.26
C GLY A 439 4.30 -1.94 1.89
N ALA A 440 5.03 -1.09 2.61
CA ALA A 440 4.91 0.34 2.40
C ALA A 440 5.68 0.78 1.15
N ILE A 441 6.74 0.07 0.79
CA ILE A 441 7.42 0.33 -0.45
C ILE A 441 6.52 -0.06 -1.62
N MET A 442 5.80 -1.16 -1.48
CA MET A 442 4.85 -1.51 -2.51
C MET A 442 3.82 -0.41 -2.72
N ASN A 443 3.37 0.22 -1.63
CA ASN A 443 2.44 1.33 -1.75
C ASN A 443 3.08 2.48 -2.52
N GLY A 444 4.36 2.73 -2.28
CA GLY A 444 5.04 3.80 -3.00
C GLY A 444 5.25 3.50 -4.47
N ILE A 445 5.49 2.23 -4.79
CA ILE A 445 5.63 1.84 -6.19
C ILE A 445 4.29 2.05 -6.90
N ALA A 446 3.20 1.62 -6.27
CA ALA A 446 1.88 1.84 -6.88
C ALA A 446 1.60 3.32 -6.98
N ALA A 447 2.03 4.10 -6.00
CA ALA A 447 1.79 5.54 -5.96
C ALA A 447 2.51 6.25 -7.09
N PHE A 448 3.66 5.71 -7.52
CA PHE A 448 4.37 6.33 -8.61
C PHE A 448 3.45 6.47 -9.82
N GLY A 449 2.65 5.44 -10.07
CA GLY A 449 1.75 5.40 -11.21
C GLY A 449 2.33 4.59 -12.33
N ALA A 450 2.11 5.08 -13.56
CA ALA A 450 2.54 4.39 -14.76
C ALA A 450 2.06 2.94 -14.78
N ASN A 451 0.91 2.71 -14.17
CA ASN A 451 0.25 1.40 -14.18
C ASN A 451 1.06 0.31 -13.49
N TYR A 452 2.01 0.65 -12.60
CA TYR A 452 2.76 -0.38 -11.92
C TYR A 452 1.82 -1.29 -11.19
N LYS A 453 2.00 -2.59 -11.40
CA LYS A 453 1.25 -3.64 -10.72
C LYS A 453 2.31 -4.42 -9.95
N ASN A 454 2.53 -4.12 -8.66
CA ASN A 454 3.68 -4.68 -8.02
C ASN A 454 3.27 -5.58 -6.85
N TYR A 455 4.15 -6.53 -6.55
CA TYR A 455 3.83 -7.60 -5.62
C TYR A 455 4.98 -7.86 -4.65
N GLY A 456 4.62 -8.49 -3.54
CA GLY A 456 5.59 -8.80 -2.52
C GLY A 456 5.24 -10.11 -1.86
N GLY A 457 6.22 -10.99 -1.78
CA GLY A 457 6.02 -12.33 -1.23
C GLY A 457 6.53 -12.46 0.21
N THR A 458 5.73 -13.12 1.02
CA THR A 458 6.18 -13.66 2.31
C THR A 458 5.24 -14.78 2.68
N PHE A 459 5.48 -15.38 3.83
CA PHE A 459 4.49 -16.30 4.38
C PHE A 459 3.29 -15.51 4.87
N LEU A 460 2.09 -16.05 4.65
CA LEU A 460 0.88 -15.38 5.06
C LEU A 460 0.94 -14.91 6.51
N ASN A 461 1.47 -15.75 7.42
CA ASN A 461 1.47 -15.40 8.83
C ASN A 461 2.28 -14.15 9.07
N PHE A 462 3.24 -13.85 8.20
CA PHE A 462 4.09 -12.69 8.45
C PHE A 462 3.68 -11.48 7.61
N VAL A 463 2.66 -11.61 6.79
CA VAL A 463 1.99 -10.41 6.28
C VAL A 463 1.54 -9.56 7.47
N SER A 464 1.28 -10.20 8.61
CA SER A 464 0.84 -9.48 9.80
C SER A 464 1.87 -8.49 10.32
N TYR A 465 3.16 -8.76 10.08
CA TYR A 465 4.22 -7.82 10.42
C TYR A 465 4.05 -6.52 9.71
N ALA A 466 3.33 -6.55 8.60
CA ALA A 466 3.19 -5.38 7.71
C ALA A 466 1.80 -4.78 7.78
N ALA A 467 1.04 -5.14 8.80
CA ALA A 467 -0.34 -4.67 8.88
C ALA A 467 -0.44 -3.16 8.77
N GLY A 468 0.50 -2.42 9.37
CA GLY A 468 0.40 -0.97 9.29
C GLY A 468 0.32 -0.45 7.86
N ALA A 469 1.12 -1.05 6.98
CA ALA A 469 1.12 -0.69 5.58
C ALA A 469 -0.03 -1.32 4.80
N VAL A 470 -0.37 -2.55 5.11
CA VAL A 470 -1.46 -3.21 4.39
C VAL A 470 -2.74 -2.43 4.55
N ARG A 471 -3.02 -1.99 5.76
CA ARG A 471 -4.23 -1.21 5.96
C ARG A 471 -4.23 0.04 5.11
N LEU A 472 -3.07 0.69 4.98
CA LEU A 472 -2.94 1.87 4.15
C LEU A 472 -3.04 1.54 2.67
N SER A 473 -2.68 0.32 2.25
CA SER A 473 -2.97 -0.06 0.87
C SER A 473 -4.45 -0.01 0.59
N ALA A 474 -5.24 -0.50 1.54
CA ALA A 474 -6.69 -0.52 1.38
C ALA A 474 -7.27 0.89 1.41
N LEU A 475 -6.88 1.66 2.42
CA LEU A 475 -7.35 3.04 2.56
C LEU A 475 -6.92 3.91 1.38
N SER A 476 -5.76 3.65 0.81
CA SER A 476 -5.23 4.44 -0.29
C SER A 476 -5.71 3.97 -1.64
N GLU A 477 -6.35 2.80 -1.69
CA GLU A 477 -6.87 2.22 -2.92
C GLU A 477 -5.74 1.88 -3.89
N PHE A 478 -4.65 1.28 -3.36
CA PHE A 478 -3.54 0.91 -4.22
C PHE A 478 -3.63 -0.54 -4.65
N PRO A 479 -3.45 -0.81 -5.92
CA PRO A 479 -3.49 -2.21 -6.41
C PRO A 479 -2.13 -2.88 -6.27
N ILE A 480 -1.79 -3.16 -5.02
CA ILE A 480 -0.61 -3.95 -4.67
C ILE A 480 -1.08 -5.37 -4.39
N THR A 481 -0.13 -6.30 -4.45
CA THR A 481 -0.44 -7.71 -4.32
C THR A 481 0.53 -8.38 -3.36
N TRP A 482 0.00 -9.03 -2.34
CA TRP A 482 0.81 -9.86 -1.47
C TRP A 482 0.75 -11.29 -1.96
N VAL A 483 1.89 -11.89 -2.18
CA VAL A 483 1.99 -13.30 -2.57
C VAL A 483 2.31 -14.05 -1.29
N ALA A 484 1.27 -14.59 -0.64
CA ALA A 484 1.29 -14.91 0.77
C ALA A 484 1.22 -16.42 0.91
N THR A 485 2.36 -17.06 0.88
CA THR A 485 2.34 -18.52 0.77
C THR A 485 2.30 -19.14 2.17
N HIS A 486 2.23 -20.46 2.20
CA HIS A 486 2.27 -21.23 3.45
C HIS A 486 1.10 -20.81 4.33
N ASP A 487 -0.10 -20.89 3.73
CA ASP A 487 -1.25 -20.18 4.24
C ASP A 487 -1.87 -20.80 5.49
N SER A 488 -1.49 -22.01 5.90
CA SER A 488 -2.29 -22.68 6.94
C SER A 488 -1.46 -23.75 7.64
N ILE A 489 -2.12 -24.52 8.51
CA ILE A 489 -1.55 -25.72 9.09
C ILE A 489 -1.01 -26.66 8.01
N GLY A 490 -1.50 -26.52 6.78
CA GLY A 490 -0.98 -27.23 5.64
C GLY A 490 0.50 -27.11 5.42
N LEU A 491 1.14 -26.08 6.00
CA LEU A 491 2.59 -25.99 5.90
C LEU A 491 3.30 -26.99 6.79
N GLY A 492 2.65 -27.50 7.83
CA GLY A 492 3.23 -28.58 8.58
C GLY A 492 4.22 -28.18 9.67
N GLU A 493 5.45 -28.68 9.50
CA GLU A 493 6.37 -28.79 10.62
C GLU A 493 6.79 -27.45 11.24
N ASP A 494 6.80 -26.35 10.49
CA ASP A 494 7.27 -25.11 11.11
C ASP A 494 6.42 -24.73 12.30
N GLY A 495 5.17 -25.21 12.35
CA GLY A 495 4.42 -25.08 13.57
C GLY A 495 3.66 -23.80 13.81
N PRO A 496 3.13 -23.66 15.02
CA PRO A 496 2.07 -22.64 15.24
C PRO A 496 2.57 -21.22 15.18
N THR A 497 3.89 -21.01 15.30
CA THR A 497 4.43 -19.67 15.12
C THR A 497 4.38 -19.23 13.67
N HIS A 498 4.14 -20.18 12.75
CA HIS A 498 4.14 -19.94 11.34
C HIS A 498 2.78 -20.11 10.73
N GLN A 499 1.84 -20.72 11.44
CA GLN A 499 0.55 -21.09 10.83
C GLN A 499 -0.53 -20.06 11.09
N PRO A 500 -1.07 -19.41 10.04
CA PRO A 500 -2.16 -18.46 10.21
C PRO A 500 -3.41 -19.06 10.84
N ILE A 501 -4.01 -18.27 11.71
CA ILE A 501 -5.33 -18.62 12.26
C ILE A 501 -6.25 -17.42 12.09
N GLU A 502 -5.76 -16.26 12.53
CA GLU A 502 -6.52 -15.01 12.56
C GLU A 502 -6.36 -14.19 11.29
N THR A 503 -5.41 -14.58 10.43
CA THR A 503 -4.88 -13.64 9.44
C THR A 503 -5.91 -13.28 8.37
N LEU A 504 -6.57 -14.27 7.79
CA LEU A 504 -7.56 -13.93 6.77
C LEU A 504 -8.69 -13.11 7.37
N ALA A 505 -9.16 -13.48 8.56
CA ALA A 505 -10.23 -12.73 9.19
C ALA A 505 -9.84 -11.28 9.35
N HIS A 506 -8.61 -11.04 9.79
CA HIS A 506 -8.13 -9.69 9.97
C HIS A 506 -8.21 -8.88 8.68
N PHE A 507 -7.68 -9.41 7.60
CA PHE A 507 -7.62 -8.66 6.38
C PHE A 507 -8.96 -8.64 5.66
N ARG A 508 -9.75 -9.70 5.77
CA ARG A 508 -11.12 -9.65 5.22
C ARG A 508 -11.99 -8.64 5.93
N ALA A 509 -11.77 -8.41 7.24
CA ALA A 509 -12.49 -7.42 8.03
C ALA A 509 -12.02 -6.00 7.76
N THR A 510 -10.91 -5.85 7.06
CA THR A 510 -10.41 -4.54 6.63
C THR A 510 -11.14 -4.14 5.36
N PRO A 511 -11.73 -2.96 5.29
CA PRO A 511 -12.41 -2.57 4.05
C PRO A 511 -11.46 -2.61 2.87
N ASN A 512 -11.96 -3.00 1.70
CA ASN A 512 -11.23 -2.89 0.44
C ASN A 512 -9.93 -3.70 0.39
N ILE A 513 -9.93 -4.93 0.90
CA ILE A 513 -8.88 -5.90 0.60
C ILE A 513 -9.52 -7.12 -0.02
N SER A 514 -9.09 -7.45 -1.22
CA SER A 514 -9.41 -8.72 -1.85
C SER A 514 -8.50 -9.79 -1.30
N VAL A 515 -9.05 -10.82 -0.71
CA VAL A 515 -8.24 -11.85 -0.05
C VAL A 515 -8.55 -13.15 -0.78
N TRP A 516 -7.73 -13.45 -1.77
CA TRP A 516 -7.94 -14.61 -2.62
C TRP A 516 -7.29 -15.80 -1.96
N ARG A 517 -8.00 -16.91 -1.94
CA ARG A 517 -7.45 -18.15 -1.44
C ARG A 517 -7.77 -19.23 -2.47
N PRO A 518 -7.02 -19.26 -3.56
CA PRO A 518 -7.40 -20.13 -4.69
C PRO A 518 -7.20 -21.58 -4.35
N ALA A 519 -8.10 -22.41 -4.87
CA ALA A 519 -8.10 -23.82 -4.61
C ALA A 519 -7.25 -24.60 -5.58
N ASP A 520 -7.00 -24.10 -6.80
CA ASP A 520 -6.34 -24.91 -7.81
C ASP A 520 -5.80 -23.99 -8.90
N GLY A 521 -5.36 -24.57 -10.00
CA GLY A 521 -4.71 -23.78 -11.03
C GLY A 521 -5.61 -22.74 -11.65
N ASN A 522 -6.83 -23.12 -12.01
CA ASN A 522 -7.69 -22.14 -12.61
C ASN A 522 -8.00 -21.02 -11.64
N GLU A 523 -8.22 -21.35 -10.37
CA GLU A 523 -8.51 -20.30 -9.42
C GLU A 523 -7.32 -19.40 -9.19
N THR A 524 -6.09 -19.94 -9.24
CA THR A 524 -4.92 -19.10 -9.05
C THR A 524 -4.78 -18.14 -10.22
N SER A 525 -5.11 -18.59 -11.45
CA SER A 525 -5.10 -17.66 -12.58
C SER A 525 -6.16 -16.58 -12.44
N ALA A 526 -7.34 -16.93 -11.95
CA ALA A 526 -8.36 -15.92 -11.67
C ALA A 526 -7.87 -14.91 -10.64
N ALA A 527 -7.19 -15.41 -9.61
CA ALA A 527 -6.73 -14.52 -8.56
C ALA A 527 -5.77 -13.50 -9.13
N TYR A 528 -4.79 -13.95 -9.93
CA TYR A 528 -3.87 -13.02 -10.55
C TYR A 528 -4.56 -12.13 -11.57
N LYS A 529 -5.55 -12.65 -12.31
CA LYS A 529 -6.30 -11.77 -13.20
C LYS A 529 -6.91 -10.62 -12.42
N SER A 530 -7.51 -10.89 -11.26
CA SER A 530 -8.04 -9.84 -10.42
C SER A 530 -6.95 -8.90 -9.91
N ALA A 531 -5.85 -9.47 -9.43
CA ALA A 531 -4.82 -8.66 -8.78
C ALA A 531 -4.15 -7.71 -9.76
N ILE A 532 -3.94 -8.17 -10.99
CA ILE A 532 -3.26 -7.36 -12.00
C ILE A 532 -4.19 -6.34 -12.63
N GLU A 533 -5.45 -6.69 -12.83
CA GLU A 533 -6.45 -5.79 -13.36
C GLU A 533 -6.87 -4.75 -12.36
N SER A 534 -6.61 -4.99 -11.08
CA SER A 534 -7.04 -4.08 -10.05
C SER A 534 -6.48 -2.70 -10.30
N THR A 535 -7.30 -1.68 -10.02
CA THR A 535 -6.81 -0.34 -10.02
C THR A 535 -7.00 0.38 -8.69
N HIS A 536 -7.87 -0.13 -7.81
CA HIS A 536 -8.20 0.54 -6.55
C HIS A 536 -8.25 -0.37 -5.34
N THR A 537 -7.89 -1.64 -5.46
CA THR A 537 -8.08 -2.63 -4.39
C THR A 537 -6.83 -3.48 -4.21
N PRO A 538 -6.17 -3.42 -3.06
CA PRO A 538 -5.06 -4.35 -2.81
C PRO A 538 -5.56 -5.76 -2.69
N HIS A 539 -4.68 -6.67 -3.07
CA HIS A 539 -4.91 -8.10 -3.07
C HIS A 539 -3.93 -8.82 -2.17
N ILE A 540 -4.43 -9.80 -1.45
CA ILE A 540 -3.58 -10.76 -0.74
C ILE A 540 -3.95 -12.10 -1.33
N LEU A 541 -2.96 -12.80 -1.90
CA LEU A 541 -3.14 -14.16 -2.42
C LEU A 541 -2.61 -15.16 -1.39
N ALA A 542 -3.54 -15.87 -0.74
CA ALA A 542 -3.20 -16.89 0.26
C ALA A 542 -2.98 -18.20 -0.46
N LEU A 543 -1.71 -18.67 -0.49
CA LEU A 543 -1.26 -19.78 -1.33
C LEU A 543 -0.68 -20.88 -0.47
N THR A 544 -0.78 -22.12 -0.96
CA THR A 544 -0.39 -23.26 -0.16
C THR A 544 1.05 -23.65 -0.38
N ARG A 545 1.63 -24.20 0.69
CA ARG A 545 2.85 -24.98 0.55
C ARG A 545 2.56 -26.32 -0.13
N GLN A 546 1.48 -26.97 0.23
CA GLN A 546 1.18 -28.34 -0.13
C GLN A 546 0.44 -28.43 -1.46
N ASN A 547 0.55 -29.59 -2.09
CA ASN A 547 -0.10 -29.84 -3.36
C ASN A 547 -1.61 -29.97 -3.22
N LEU A 548 -2.32 -29.45 -4.22
CA LEU A 548 -3.75 -29.56 -4.30
C LEU A 548 -4.15 -30.09 -5.66
N PRO A 549 -5.25 -30.82 -5.74
CA PRO A 549 -5.68 -31.34 -7.03
C PRO A 549 -6.34 -30.26 -7.88
N GLN A 550 -6.28 -30.47 -9.20
CA GLN A 550 -7.12 -29.70 -10.13
C GLN A 550 -8.58 -30.11 -9.98
N LEU A 551 -9.44 -29.13 -9.81
CA LEU A 551 -10.84 -29.40 -9.49
C LEU A 551 -11.67 -29.57 -10.76
N GLU A 552 -12.58 -30.54 -10.70
CA GLU A 552 -13.66 -30.61 -11.67
C GLU A 552 -14.62 -29.47 -11.41
N GLY A 553 -14.82 -28.63 -12.44
CA GLY A 553 -15.74 -27.53 -12.33
C GLY A 553 -15.09 -26.17 -12.16
N SER A 554 -13.79 -26.09 -11.98
CA SER A 554 -13.19 -24.76 -11.83
C SER A 554 -12.85 -24.20 -13.20
N SER A 555 -12.81 -22.88 -13.24
CA SER A 555 -12.38 -22.17 -14.43
C SER A 555 -12.00 -20.78 -14.01
N ILE A 556 -11.22 -20.11 -14.86
CA ILE A 556 -10.95 -18.69 -14.62
C ILE A 556 -12.25 -17.91 -14.62
N GLU A 557 -13.15 -18.21 -15.56
CA GLU A 557 -14.37 -17.43 -15.67
C GLU A 557 -15.20 -17.51 -14.39
N LYS A 558 -15.44 -18.72 -13.86
CA LYS A 558 -16.27 -18.83 -12.67
C LYS A 558 -15.55 -18.29 -11.45
N ALA A 559 -14.27 -18.62 -11.30
CA ALA A 559 -13.58 -18.13 -10.12
C ALA A 559 -13.48 -16.61 -10.14
N SER A 560 -13.52 -15.98 -11.32
CA SER A 560 -13.44 -14.53 -11.37
C SER A 560 -14.63 -13.86 -10.71
N LYS A 561 -15.66 -14.63 -10.38
CA LYS A 561 -16.82 -14.10 -9.69
C LYS A 561 -16.63 -14.10 -8.18
N GLY A 562 -15.48 -14.59 -7.72
CA GLY A 562 -15.11 -14.59 -6.31
C GLY A 562 -15.68 -15.77 -5.56
N GLY A 563 -16.93 -16.10 -5.85
CA GLY A 563 -17.53 -17.30 -5.31
C GLY A 563 -18.39 -17.91 -6.38
N TYR A 564 -18.45 -19.24 -6.42
CA TYR A 564 -19.18 -19.90 -7.48
C TYR A 564 -19.49 -21.32 -7.08
N THR A 565 -20.51 -21.88 -7.74
CA THR A 565 -20.95 -23.24 -7.48
C THR A 565 -20.01 -24.17 -8.21
N LEU A 566 -19.21 -24.91 -7.46
CA LEU A 566 -18.31 -25.87 -8.06
C LEU A 566 -19.04 -27.15 -8.38
N VAL A 567 -19.81 -27.67 -7.44
CA VAL A 567 -20.59 -28.88 -7.62
C VAL A 567 -22.02 -28.47 -7.35
N GLN A 568 -22.85 -28.49 -8.40
CA GLN A 568 -24.25 -28.13 -8.26
C GLN A 568 -25.01 -29.39 -7.93
N GLN A 569 -25.88 -29.31 -6.91
CA GLN A 569 -26.69 -30.43 -6.48
C GLN A 569 -28.09 -29.86 -6.30
N ASP A 570 -28.91 -29.98 -7.33
CA ASP A 570 -30.31 -29.72 -7.16
C ASP A 570 -30.73 -30.73 -6.08
N LYS A 571 -31.67 -30.40 -5.24
CA LYS A 571 -32.00 -31.35 -4.17
C LYS A 571 -30.89 -31.53 -3.12
N ALA A 572 -30.01 -30.54 -2.96
CA ALA A 572 -29.01 -30.63 -1.90
C ALA A 572 -29.66 -30.64 -0.54
N ASP A 573 -29.11 -31.49 0.33
CA ASP A 573 -29.47 -31.44 1.75
C ASP A 573 -28.62 -30.40 2.46
N ILE A 574 -27.46 -30.09 1.88
CA ILE A 574 -26.55 -29.13 2.47
C ILE A 574 -25.62 -28.67 1.37
N ILE A 575 -25.16 -27.43 1.48
CA ILE A 575 -24.11 -26.92 0.64
C ILE A 575 -22.91 -26.69 1.53
N ILE A 576 -21.74 -27.13 1.09
CA ILE A 576 -20.49 -26.85 1.79
C ILE A 576 -19.79 -25.75 1.03
N VAL A 577 -19.53 -24.63 1.70
CA VAL A 577 -18.76 -23.55 1.10
C VAL A 577 -17.36 -23.60 1.69
N ALA A 578 -16.35 -23.55 0.83
CA ALA A 578 -14.97 -23.71 1.26
C ALA A 578 -14.07 -22.83 0.40
N THR A 579 -12.83 -22.68 0.84
CA THR A 579 -11.82 -21.95 0.10
C THR A 579 -10.56 -22.79 0.02
N GLY A 580 -9.72 -22.43 -0.94
CA GLY A 580 -8.37 -22.96 -1.02
C GLY A 580 -8.27 -24.46 -0.86
N SER A 581 -7.37 -24.87 0.00
CA SER A 581 -7.14 -26.28 0.23
C SER A 581 -8.35 -27.01 0.76
N GLU A 582 -9.36 -26.32 1.30
CA GLU A 582 -10.51 -27.02 1.85
C GLU A 582 -11.59 -27.23 0.80
N VAL A 583 -11.43 -26.72 -0.41
CA VAL A 583 -12.41 -27.06 -1.46
C VAL A 583 -12.28 -28.53 -1.84
N SER A 584 -11.06 -29.01 -2.09
CA SER A 584 -10.86 -30.43 -2.37
C SER A 584 -11.37 -31.29 -1.23
N LEU A 585 -11.16 -30.84 0.01
CA LEU A 585 -11.65 -31.57 1.18
C LEU A 585 -13.17 -31.68 1.15
N ALA A 586 -13.84 -30.58 0.83
CA ALA A 586 -15.30 -30.54 0.74
C ALA A 586 -15.83 -31.47 -0.35
N VAL A 587 -15.14 -31.54 -1.48
CA VAL A 587 -15.54 -32.48 -2.53
C VAL A 587 -15.39 -33.91 -2.05
N ASP A 588 -14.29 -34.22 -1.34
CA ASP A 588 -14.13 -35.55 -0.77
C ASP A 588 -15.18 -35.84 0.28
N ALA A 589 -15.55 -34.83 1.08
CA ALA A 589 -16.62 -35.02 2.05
C ALA A 589 -17.95 -35.31 1.37
N LEU A 590 -18.17 -34.73 0.19
CA LEU A 590 -19.42 -34.96 -0.54
C LEU A 590 -19.58 -36.44 -0.84
N LYS A 591 -18.48 -37.10 -1.20
CA LYS A 591 -18.50 -38.53 -1.49
C LYS A 591 -18.77 -39.36 -0.24
N VAL A 592 -18.21 -38.96 0.91
CA VAL A 592 -18.53 -39.63 2.17
C VAL A 592 -20.02 -39.47 2.49
N LEU A 593 -20.52 -38.25 2.34
CA LEU A 593 -21.91 -37.98 2.66
C LEU A 593 -22.85 -38.79 1.76
N GLU A 594 -22.48 -38.96 0.50
CA GLU A 594 -23.35 -39.72 -0.39
C GLU A 594 -23.60 -41.10 0.19
N GLY A 595 -22.55 -41.74 0.69
CA GLY A 595 -22.70 -43.01 1.35
C GLY A 595 -23.56 -42.97 2.59
N GLN A 596 -23.67 -41.82 3.24
CA GLN A 596 -24.53 -41.67 4.40
C GLN A 596 -25.93 -41.24 4.03
N GLY A 597 -26.23 -41.18 2.73
CA GLY A 597 -27.53 -40.79 2.23
C GLY A 597 -27.77 -39.31 2.21
N ILE A 598 -26.72 -38.51 2.19
CA ILE A 598 -26.82 -37.06 2.24
C ILE A 598 -26.25 -36.49 0.96
N LYS A 599 -27.00 -35.62 0.31
CA LYS A 599 -26.62 -35.00 -0.95
C LYS A 599 -26.07 -33.61 -0.65
N ALA A 600 -24.82 -33.36 -1.07
CA ALA A 600 -24.22 -32.06 -0.82
C ALA A 600 -23.86 -31.38 -2.12
N GLY A 601 -23.93 -30.04 -2.12
CA GLY A 601 -23.32 -29.23 -3.14
C GLY A 601 -22.05 -28.63 -2.57
N VAL A 602 -21.17 -28.14 -3.46
CA VAL A 602 -19.95 -27.47 -3.03
C VAL A 602 -19.86 -26.12 -3.70
N VAL A 603 -19.58 -25.10 -2.88
CA VAL A 603 -19.31 -23.75 -3.36
C VAL A 603 -17.85 -23.47 -3.06
N SER A 604 -17.14 -22.94 -4.04
CA SER A 604 -15.79 -22.42 -3.83
C SER A 604 -15.84 -20.91 -3.73
N LEU A 605 -15.22 -20.36 -2.68
CA LEU A 605 -15.27 -18.92 -2.42
C LEU A 605 -13.87 -18.32 -2.40
N PRO A 606 -13.19 -18.31 -3.54
CA PRO A 606 -11.80 -17.85 -3.55
C PRO A 606 -11.61 -16.40 -3.15
N ASP A 607 -12.55 -15.49 -3.38
CA ASP A 607 -12.44 -14.15 -2.81
C ASP A 607 -13.78 -13.64 -2.32
N GLN A 608 -13.88 -13.42 -1.00
CA GLN A 608 -15.12 -12.95 -0.43
C GLN A 608 -15.45 -11.55 -0.90
N LEU A 609 -14.45 -10.67 -1.09
CA LEU A 609 -14.77 -9.31 -1.49
C LEU A 609 -15.33 -9.30 -2.92
N THR A 610 -14.66 -9.99 -3.82
CA THR A 610 -15.15 -10.06 -5.20
C THR A 610 -16.56 -10.65 -5.21
N PHE A 611 -16.76 -11.71 -4.44
CA PHE A 611 -18.07 -12.31 -4.39
C PHE A 611 -19.10 -11.30 -3.87
N ASP A 612 -18.75 -10.56 -2.81
CA ASP A 612 -19.68 -9.58 -2.23
C ASP A 612 -20.14 -8.57 -3.26
N LYS A 613 -19.27 -8.21 -4.20
CA LYS A 613 -19.56 -7.18 -5.17
C LYS A 613 -20.44 -7.67 -6.28
N GLN A 614 -20.71 -8.98 -6.35
CA GLN A 614 -21.57 -9.51 -7.39
C GLN A 614 -23.02 -9.10 -7.11
N SER A 615 -23.86 -9.29 -8.12
CA SER A 615 -25.27 -8.94 -7.95
C SER A 615 -25.90 -9.81 -6.88
N GLU A 616 -26.95 -9.28 -6.25
CA GLU A 616 -27.66 -10.06 -5.25
C GLU A 616 -28.19 -11.35 -5.86
N GLU A 617 -28.64 -11.31 -7.12
CA GLU A 617 -29.16 -12.53 -7.71
C GLU A 617 -28.05 -13.54 -7.96
N TYR A 618 -26.89 -13.07 -8.41
CA TYR A 618 -25.78 -14.00 -8.58
C TYR A 618 -25.43 -14.65 -7.25
N LYS A 619 -25.31 -13.84 -6.22
CA LYS A 619 -24.91 -14.37 -4.93
C LYS A 619 -25.93 -15.38 -4.41
N LEU A 620 -27.23 -15.10 -4.57
CA LEU A 620 -28.26 -16.06 -4.17
C LEU A 620 -28.23 -17.34 -5.01
N SER A 621 -27.78 -17.30 -6.27
CA SER A 621 -27.62 -18.53 -7.03
C SER A 621 -26.51 -19.41 -6.50
N VAL A 622 -25.58 -18.83 -5.74
CA VAL A 622 -24.48 -19.60 -5.18
C VAL A 622 -24.82 -20.04 -3.77
N LEU A 623 -25.55 -19.20 -3.04
CA LEU A 623 -25.91 -19.45 -1.65
C LEU A 623 -27.41 -19.29 -1.53
N PRO A 624 -28.17 -20.26 -2.01
CA PRO A 624 -29.64 -20.08 -2.09
C PRO A 624 -30.33 -20.19 -0.74
N ASP A 625 -31.60 -19.79 -0.73
CA ASP A 625 -32.48 -20.08 0.39
C ASP A 625 -32.81 -21.56 0.46
N GLY A 626 -33.23 -21.98 1.65
CA GLY A 626 -33.83 -23.29 1.80
C GLY A 626 -32.88 -24.44 1.93
N VAL A 627 -31.60 -24.18 2.21
CA VAL A 627 -30.66 -25.28 2.35
C VAL A 627 -29.62 -24.86 3.37
N PRO A 628 -29.34 -25.68 4.38
CA PRO A 628 -28.27 -25.33 5.30
C PRO A 628 -26.93 -25.26 4.57
N ILE A 629 -26.09 -24.33 5.03
CA ILE A 629 -24.79 -24.11 4.43
C ILE A 629 -23.74 -24.19 5.53
N LEU A 630 -22.74 -25.04 5.31
CA LEU A 630 -21.64 -25.25 6.22
C LEU A 630 -20.38 -24.71 5.57
N SER A 631 -19.64 -23.84 6.28
CA SER A 631 -18.35 -23.40 5.77
C SER A 631 -17.22 -24.26 6.31
N VAL A 632 -16.19 -24.43 5.48
CA VAL A 632 -15.01 -25.20 5.86
C VAL A 632 -13.75 -24.44 5.40
N GLU A 633 -12.94 -24.00 6.37
CA GLU A 633 -11.68 -23.31 6.11
C GLU A 633 -10.84 -23.46 7.38
N VAL A 634 -9.62 -23.92 7.22
CA VAL A 634 -8.85 -24.33 8.39
C VAL A 634 -8.19 -23.14 9.12
N MET A 635 -8.98 -22.13 9.43
N MET A 635 -8.99 -22.12 9.38
CA MET A 635 -8.54 -21.03 10.29
CA MET A 635 -8.59 -20.89 10.07
C MET A 635 -9.80 -20.38 10.83
C MET A 635 -9.80 -20.38 10.85
N SER A 636 -9.68 -19.15 11.38
CA SER A 636 -10.77 -18.53 12.12
C SER A 636 -12.10 -18.65 11.40
N THR A 637 -13.14 -18.91 12.18
CA THR A 637 -14.51 -18.87 11.65
C THR A 637 -15.07 -17.46 11.56
N PHE A 638 -14.34 -16.43 11.99
CA PHE A 638 -14.86 -15.07 11.87
C PHE A 638 -15.15 -14.71 10.42
N GLY A 639 -16.25 -14.02 10.22
CA GLY A 639 -16.70 -13.59 8.90
C GLY A 639 -17.55 -14.61 8.18
N TRP A 640 -17.42 -15.89 8.53
CA TRP A 640 -18.00 -16.93 7.70
C TRP A 640 -19.52 -17.00 7.82
N SER A 641 -20.09 -16.47 8.87
CA SER A 641 -21.55 -16.38 9.00
C SER A 641 -22.17 -15.49 7.94
N LYS A 642 -21.38 -14.69 7.21
CA LYS A 642 -21.96 -13.99 6.08
C LYS A 642 -22.41 -14.96 4.99
N TYR A 643 -21.87 -16.15 4.98
CA TYR A 643 -22.02 -17.07 3.86
C TYR A 643 -22.52 -18.43 4.27
N SER A 644 -22.67 -18.69 5.57
CA SER A 644 -22.99 -20.02 6.06
C SER A 644 -23.81 -19.93 7.31
N HIS A 645 -24.46 -21.05 7.63
CA HIS A 645 -25.25 -21.21 8.83
C HIS A 645 -24.43 -21.80 9.97
N GLN A 646 -23.54 -22.70 9.64
CA GLN A 646 -22.64 -23.34 10.59
C GLN A 646 -21.25 -23.24 10.00
N GLN A 647 -20.25 -23.17 10.88
CA GLN A 647 -18.88 -22.95 10.44
C GLN A 647 -17.95 -23.97 11.07
N PHE A 648 -17.20 -24.64 10.22
CA PHE A 648 -16.16 -25.56 10.65
C PHE A 648 -14.83 -24.88 10.35
N GLY A 649 -14.19 -24.36 11.40
CA GLY A 649 -12.89 -23.74 11.25
C GLY A 649 -11.95 -24.14 12.36
N LEU A 650 -10.83 -23.41 12.43
CA LEU A 650 -9.81 -23.66 13.42
C LEU A 650 -9.65 -22.36 14.19
N ASN A 651 -10.04 -22.37 15.47
CA ASN A 651 -10.02 -21.19 16.31
C ASN A 651 -9.04 -21.36 17.48
N ARG A 652 -8.07 -22.23 17.30
CA ARG A 652 -6.97 -22.44 18.24
C ARG A 652 -5.70 -22.42 17.42
N PHE A 653 -4.58 -22.25 18.10
CA PHE A 653 -3.33 -22.27 17.36
C PHE A 653 -3.04 -23.68 16.85
N GLY A 654 -2.11 -23.77 15.91
CA GLY A 654 -1.82 -25.01 15.26
C GLY A 654 -0.84 -25.86 16.01
N ALA A 655 0.02 -26.55 15.27
CA ALA A 655 0.82 -27.59 15.83
C ALA A 655 1.98 -27.86 14.90
N SER A 656 3.05 -28.38 15.45
CA SER A 656 4.25 -28.72 14.68
C SER A 656 4.26 -30.20 14.37
N GLY A 657 3.98 -30.54 13.12
CA GLY A 657 3.94 -31.94 12.70
C GLY A 657 3.73 -32.01 11.20
N LYS A 658 3.80 -33.23 10.67
CA LYS A 658 3.50 -33.44 9.26
C LYS A 658 2.07 -32.99 8.98
N ALA A 659 1.89 -32.19 7.93
CA ALA A 659 0.59 -31.54 7.74
C ALA A 659 -0.58 -32.52 7.72
N PRO A 660 -0.53 -33.66 7.05
CA PRO A 660 -1.71 -34.54 7.06
C PRO A 660 -2.08 -34.98 8.45
N GLU A 661 -1.10 -35.09 9.36
CA GLU A 661 -1.42 -35.50 10.71
C GLU A 661 -2.10 -34.38 11.48
N ILE A 662 -1.74 -33.13 11.18
CA ILE A 662 -2.40 -32.01 11.84
C ILE A 662 -3.85 -31.94 11.41
N PHE A 663 -4.09 -32.10 10.11
CA PHE A 663 -5.46 -32.10 9.60
C PHE A 663 -6.26 -33.21 10.27
N LYS A 664 -5.66 -34.40 10.43
CA LYS A 664 -6.34 -35.49 11.11
C LYS A 664 -6.63 -35.13 12.56
N LEU A 665 -5.64 -34.57 13.26
CA LEU A 665 -5.84 -34.17 14.64
C LEU A 665 -7.06 -33.27 14.81
N PHE A 666 -7.24 -32.29 13.92
CA PHE A 666 -8.32 -31.35 14.03
C PHE A 666 -9.55 -31.77 13.24
N GLU A 667 -9.53 -32.98 12.68
CA GLU A 667 -10.68 -33.61 12.02
C GLU A 667 -11.08 -32.87 10.75
N PHE A 668 -10.14 -32.16 10.12
CA PHE A 668 -10.32 -31.66 8.76
C PHE A 668 -9.96 -32.78 7.79
N THR A 669 -10.85 -33.76 7.76
CA THR A 669 -10.80 -34.98 6.97
C THR A 669 -12.14 -35.11 6.29
N PRO A 670 -12.21 -35.89 5.22
CA PRO A 670 -13.53 -36.13 4.58
C PRO A 670 -14.56 -36.60 5.60
N GLU A 671 -14.15 -37.48 6.53
CA GLU A 671 -15.09 -38.00 7.54
C GLU A 671 -15.45 -36.95 8.57
N GLY A 672 -14.49 -36.10 8.99
CA GLY A 672 -14.79 -35.07 9.99
C GLY A 672 -15.70 -34.00 9.44
N VAL A 673 -15.46 -33.61 8.19
CA VAL A 673 -16.37 -32.66 7.53
C VAL A 673 -17.74 -33.30 7.33
N ALA A 674 -17.77 -34.55 6.86
CA ALA A 674 -19.06 -35.22 6.65
C ALA A 674 -19.84 -35.29 7.96
N GLU A 675 -19.14 -35.56 9.08
CA GLU A 675 -19.81 -35.66 10.37
C GLU A 675 -20.46 -34.33 10.73
N ARG A 676 -19.75 -33.23 10.52
CA ARG A 676 -20.31 -31.96 10.88
C ARG A 676 -21.39 -31.51 9.91
N ALA A 677 -21.26 -31.88 8.63
CA ALA A 677 -22.36 -31.65 7.68
C ALA A 677 -23.61 -32.41 8.10
N ALA A 678 -23.44 -33.66 8.49
CA ALA A 678 -24.61 -34.42 8.92
C ALA A 678 -25.24 -33.83 10.18
N LYS A 679 -24.42 -33.40 11.15
CA LYS A 679 -24.97 -32.71 12.30
C LYS A 679 -25.69 -31.41 11.91
N THR A 680 -25.20 -30.73 10.88
CA THR A 680 -25.86 -29.51 10.42
C THR A 680 -27.20 -29.82 9.80
N VAL A 681 -27.25 -30.83 8.96
CA VAL A 681 -28.53 -31.25 8.39
C VAL A 681 -29.51 -31.58 9.51
N ALA A 682 -29.05 -32.32 10.52
CA ALA A 682 -29.96 -32.71 11.60
C ALA A 682 -30.40 -31.48 12.41
N PHE A 683 -29.48 -30.52 12.60
CA PHE A 683 -29.78 -29.34 13.38
C PHE A 683 -30.93 -28.54 12.77
N TYR A 684 -31.01 -28.48 11.43
CA TYR A 684 -32.03 -27.70 10.76
C TYR A 684 -33.22 -28.52 10.32
N LYS A 685 -33.28 -29.79 10.70
CA LYS A 685 -34.43 -30.63 10.36
C LYS A 685 -35.69 -29.98 10.90
N GLY A 686 -36.66 -29.77 10.02
CA GLY A 686 -37.90 -29.14 10.43
C GLY A 686 -37.79 -27.69 10.82
N LYS A 687 -36.72 -27.01 10.43
CA LYS A 687 -36.62 -25.55 10.53
C LYS A 687 -36.68 -24.95 9.12
N ASP A 688 -37.10 -23.69 9.05
CA ASP A 688 -37.04 -22.95 7.80
C ASP A 688 -35.70 -22.26 7.73
N VAL A 689 -35.02 -22.40 6.61
CA VAL A 689 -33.66 -21.92 6.44
C VAL A 689 -33.64 -20.93 5.29
N VAL A 690 -33.16 -19.71 5.55
CA VAL A 690 -32.97 -18.73 4.49
C VAL A 690 -31.48 -18.51 4.30
N SER A 691 -31.16 -18.01 3.13
CA SER A 691 -29.77 -17.83 2.76
C SER A 691 -29.07 -16.97 3.81
N PRO A 692 -27.83 -17.28 4.16
CA PRO A 692 -27.08 -16.34 5.00
C PRO A 692 -26.95 -14.95 4.42
N LEU A 693 -27.17 -14.78 3.11
CA LEU A 693 -27.10 -13.49 2.45
C LEU A 693 -28.26 -12.56 2.85
N ARG A 694 -29.32 -13.11 3.44
CA ARG A 694 -30.45 -12.28 3.86
C ARG A 694 -30.11 -11.55 5.15
N SER A 695 -30.64 -10.34 5.28
CA SER A 695 -30.31 -9.41 6.35
C SER A 695 -31.59 -8.71 6.73
N ALA A 696 -31.73 -8.29 7.99
CA ALA A 696 -32.86 -7.44 8.35
C ALA A 696 -32.68 -6.00 7.87
N PHE A 697 -31.44 -5.58 7.64
CA PHE A 697 -31.14 -4.21 7.22
C PHE A 697 -29.79 -4.23 6.54
#